data_7UVA
#
_entry.id   7UVA
#
_cell.length_a   54.903
_cell.length_b   87.054
_cell.length_c   176.177
_cell.angle_alpha   90.00
_cell.angle_beta   90.00
_cell.angle_gamma   90.00
#
_symmetry.space_group_name_H-M   'P 21 21 21'
#
loop_
_entity.id
_entity.type
_entity.pdbx_description
1 polymer 'Lysine-specific demethylase 2A'
2 polymer 'Lysine-specific demethylase 2A'
3 polymer 'Histone H3.2'
4 non-polymer 'FE (III) ION'
5 non-polymer N-heptanoyl-N-hydroxy-beta-alanine
6 water water
#
loop_
_entity_poly.entity_id
_entity_poly.type
_entity_poly.pdbx_seq_one_letter_code
_entity_poly.pdbx_strand_id
1 'polypeptide(L)'
;MRTFDLEEKLQTNKYNANFVTFMEGKDFNVEYIQRGGLRDPLIFKNSDGLGIKMPDPDFTVNDVKMCVGSRRMVDVMDVN
TQKGIEMTMAQWTRYYETPEEEREKLYNVISLEFSHTRLENMVQRPSTVDFIDWVDNMWPRHLKESQTESTNAILEMQYP
KVQKYCLMSVRGCYTDFHVDFGGTSVWYHIHQGGKVFWLIPPTAHNLELYENWLLSGKQGDIFLGDRVSDCQRIELKQGY
TFVIPSGWIHAVYTPTDTLVFGGNFLHSFNIPMQLKIYSIEDRTRVPNKFRYPFYYEMCWYVLERYVYCITNRSHLTKDF
QKESLSMDME
;
A,D
2 'polypeptide(L)' MQVHLTHFELEGLRCLVDKLESLPLHKKCVPTGIEDEDALIADVKILLEELASSDPKLALTGVPIVQWP B,E
3 'polypeptide(L)' APATGGVCKPHRY C,F
#
# COMPACT_ATOMS: atom_id res chain seq x y z
N ARG A 2 -0.35 -23.79 26.66
CA ARG A 2 -0.75 -22.36 26.67
C ARG A 2 -0.32 -21.71 28.00
N THR A 3 0.81 -21.00 27.97
CA THR A 3 1.31 -20.31 29.18
C THR A 3 0.96 -18.82 29.19
N PHE A 4 0.31 -18.29 28.13
CA PHE A 4 -0.28 -16.92 28.15
C PHE A 4 -1.76 -16.98 28.59
N ASP A 5 -2.29 -15.90 29.13
CA ASP A 5 -3.64 -15.94 29.65
C ASP A 5 -4.60 -15.45 28.60
N LEU A 6 -5.34 -16.39 28.01
CA LEU A 6 -6.31 -16.04 26.97
C LEU A 6 -7.39 -15.06 27.47
N GLU A 7 -7.73 -15.12 28.76
CA GLU A 7 -8.72 -14.15 29.30
C GLU A 7 -8.27 -12.68 29.23
N GLU A 8 -6.98 -12.38 29.47
CA GLU A 8 -6.52 -10.98 29.33
C GLU A 8 -6.47 -10.56 27.87
N LYS A 9 -6.16 -11.49 26.96
CA LYS A 9 -6.19 -11.14 25.50
C LYS A 9 -7.60 -10.77 24.99
N LEU A 10 -8.63 -11.25 25.68
CA LEU A 10 -10.04 -10.92 25.40
C LEU A 10 -10.52 -9.67 26.10
N GLN A 11 -9.88 -9.29 27.21
CA GLN A 11 -10.26 -8.09 28.01
C GLN A 11 -9.49 -6.82 27.67
N THR A 12 -8.21 -6.94 27.31
CA THR A 12 -7.40 -5.72 27.06
C THR A 12 -8.01 -4.86 25.96
N ASN A 13 -7.72 -3.56 26.02
CA ASN A 13 -8.14 -2.68 24.92
C ASN A 13 -7.03 -2.39 23.87
N LYS A 14 -5.90 -3.06 23.98
CA LYS A 14 -4.74 -2.78 23.10
C LYS A 14 -4.79 -3.25 21.65
N TYR A 15 -5.83 -4.01 21.28
CA TYR A 15 -5.86 -4.62 19.94
C TYR A 15 -6.87 -3.80 19.23
N ASN A 16 -6.49 -2.55 19.00
CA ASN A 16 -7.45 -1.53 18.62
C ASN A 16 -7.24 -0.95 17.23
N ALA A 17 -6.50 -1.66 16.38
CA ALA A 17 -6.42 -1.28 14.97
C ALA A 17 -7.77 -1.33 14.24
N ASN A 18 -7.94 -0.53 13.18
CA ASN A 18 -9.14 -0.51 12.35
C ASN A 18 -8.81 -1.05 10.97
N PHE A 19 -8.91 -2.36 10.79
CA PHE A 19 -8.65 -2.95 9.47
C PHE A 19 -9.90 -3.33 8.72
N VAL A 20 -11.01 -3.52 9.39
CA VAL A 20 -12.16 -4.11 8.76
C VAL A 20 -13.06 -3.02 8.25
N THR A 21 -13.59 -3.21 7.06
CA THR A 21 -14.62 -2.36 6.48
C THR A 21 -15.99 -3.02 6.56
N PHE A 22 -16.94 -2.31 7.12
CA PHE A 22 -18.33 -2.71 7.09
C PHE A 22 -18.96 -2.31 5.76
N MET A 23 -19.59 -3.25 5.09
CA MET A 23 -20.08 -3.07 3.78
C MET A 23 -21.49 -3.54 3.69
N GLU A 24 -22.19 -3.01 2.71
CA GLU A 24 -23.50 -3.50 2.30
C GLU A 24 -23.26 -4.56 1.20
N GLY A 25 -24.06 -5.62 1.20
CA GLY A 25 -23.90 -6.69 0.24
C GLY A 25 -23.88 -6.27 -1.21
N LYS A 26 -24.71 -5.29 -1.55
CA LYS A 26 -24.83 -4.85 -2.94
C LYS A 26 -23.55 -4.24 -3.49
N ASP A 27 -22.67 -3.73 -2.65
CA ASP A 27 -21.45 -3.08 -3.12
C ASP A 27 -20.31 -4.09 -3.32
N PHE A 28 -20.51 -5.32 -2.84
CA PHE A 28 -19.54 -6.39 -3.00
C PHE A 28 -19.77 -7.07 -4.32
N ASN A 29 -19.15 -6.57 -5.37
CA ASN A 29 -19.32 -7.08 -6.70
C ASN A 29 -17.98 -7.22 -7.41
N VAL A 30 -17.99 -7.62 -8.68
CA VAL A 30 -16.72 -7.90 -9.38
C VAL A 30 -15.99 -6.60 -9.64
N GLU A 31 -16.74 -5.51 -9.85
CA GLU A 31 -16.09 -4.24 -10.03
C GLU A 31 -15.32 -3.82 -8.81
N TYR A 32 -15.93 -4.02 -7.64
CA TYR A 32 -15.26 -3.71 -6.37
C TYR A 32 -13.92 -4.51 -6.25
N ILE A 33 -13.93 -5.80 -6.62
CA ILE A 33 -12.77 -6.69 -6.57
C ILE A 33 -11.74 -6.21 -7.55
N GLN A 34 -12.16 -5.83 -8.76
CA GLN A 34 -11.23 -5.34 -9.79
C GLN A 34 -10.52 -4.07 -9.36
N ARG A 35 -11.26 -3.20 -8.71
CA ARG A 35 -10.74 -1.89 -8.27
C ARG A 35 -9.91 -1.96 -6.99
N GLY A 36 -10.27 -2.87 -6.08
CA GLY A 36 -9.60 -2.98 -4.74
C GLY A 36 -8.66 -4.16 -4.57
N GLY A 37 -8.73 -5.15 -5.45
CA GLY A 37 -7.99 -6.42 -5.33
C GLY A 37 -8.30 -7.33 -4.13
N LEU A 38 -9.43 -7.12 -3.47
CA LEU A 38 -9.86 -7.90 -2.28
C LEU A 38 -8.76 -7.95 -1.21
N ARG A 39 -8.23 -6.75 -0.91
CA ARG A 39 -7.18 -6.52 0.03
C ARG A 39 -7.64 -6.21 1.46
N ASP A 40 -8.92 -5.85 1.65
CA ASP A 40 -9.45 -5.42 2.95
C ASP A 40 -10.45 -6.42 3.55
N PRO A 41 -10.29 -6.79 4.84
CA PRO A 41 -11.25 -7.68 5.49
C PRO A 41 -12.57 -6.96 5.52
N LEU A 42 -13.65 -7.68 5.27
CA LEU A 42 -15.00 -7.09 5.19
C LEU A 42 -15.97 -7.80 6.14
N ILE A 43 -16.82 -7.03 6.81
CA ILE A 43 -17.97 -7.56 7.50
C ILE A 43 -19.25 -7.04 6.87
N PHE A 44 -20.17 -7.98 6.67
CA PHE A 44 -21.52 -7.72 6.21
C PHE A 44 -22.42 -8.02 7.39
N LYS A 45 -22.94 -6.97 8.00
CA LYS A 45 -23.79 -7.10 9.19
C LYS A 45 -25.12 -7.75 8.86
N ASN A 46 -25.61 -7.60 7.67
CA ASN A 46 -26.70 -8.41 7.20
C ASN A 46 -26.37 -8.96 5.84
N SER A 47 -27.17 -9.91 5.42
CA SER A 47 -26.89 -10.63 4.18
C SER A 47 -27.59 -10.05 2.94
N ASP A 48 -28.36 -8.98 3.12
CA ASP A 48 -28.98 -8.28 1.98
C ASP A 48 -27.99 -8.08 0.84
N GLY A 49 -28.34 -8.55 -0.33
CA GLY A 49 -27.56 -8.32 -1.50
C GLY A 49 -26.38 -9.26 -1.70
N LEU A 50 -26.09 -10.18 -0.77
CA LEU A 50 -24.89 -11.04 -0.92
C LEU A 50 -25.12 -12.23 -1.75
N GLY A 51 -26.37 -12.68 -1.76
CA GLY A 51 -26.82 -13.87 -2.49
C GLY A 51 -26.53 -15.16 -1.73
N ILE A 52 -26.43 -15.10 -0.41
CA ILE A 52 -26.27 -16.33 0.38
C ILE A 52 -27.57 -17.08 0.62
N LYS A 53 -27.43 -18.35 0.93
CA LYS A 53 -28.52 -19.15 1.42
C LYS A 53 -27.98 -19.98 2.56
N MET A 54 -28.75 -20.06 3.65
CA MET A 54 -28.40 -20.84 4.80
C MET A 54 -29.50 -21.82 5.13
N PRO A 55 -29.20 -22.83 5.97
CA PRO A 55 -30.29 -23.67 6.40
C PRO A 55 -31.18 -22.93 7.42
N ASP A 56 -32.28 -23.57 7.77
CA ASP A 56 -33.20 -23.14 8.83
C ASP A 56 -32.48 -22.58 10.04
N PRO A 57 -32.96 -21.48 10.62
CA PRO A 57 -32.19 -20.84 11.72
C PRO A 57 -31.95 -21.63 13.01
N ASP A 58 -32.75 -22.66 13.27
CA ASP A 58 -32.59 -23.53 14.45
C ASP A 58 -31.89 -24.84 14.10
N PHE A 59 -31.28 -24.93 12.92
CA PHE A 59 -30.52 -26.12 12.48
C PHE A 59 -29.59 -26.51 13.58
N THR A 60 -29.51 -27.80 13.88
CA THR A 60 -28.66 -28.26 15.01
C THR A 60 -27.48 -29.08 14.47
N VAL A 61 -26.55 -29.44 15.34
CA VAL A 61 -25.44 -30.32 14.97
C VAL A 61 -26.02 -31.72 14.59
N ASN A 62 -27.13 -32.13 15.23
CA ASN A 62 -27.70 -33.42 14.89
C ASN A 62 -28.26 -33.39 13.48
N ASP A 63 -28.81 -32.24 13.05
CA ASP A 63 -29.24 -32.05 11.64
C ASP A 63 -28.03 -32.15 10.64
N VAL A 64 -26.92 -31.47 10.96
CA VAL A 64 -25.67 -31.59 10.17
C VAL A 64 -25.34 -33.05 10.06
N LYS A 65 -25.36 -33.72 11.22
CA LYS A 65 -25.03 -35.20 11.27
C LYS A 65 -25.90 -36.04 10.31
N MET A 66 -27.19 -35.82 10.33
CA MET A 66 -28.08 -36.57 9.46
C MET A 66 -27.90 -36.29 7.94
N CYS A 67 -27.46 -35.06 7.63
CA CYS A 67 -27.14 -34.61 6.26
C CYS A 67 -25.82 -35.16 5.70
N VAL A 68 -24.83 -35.37 6.54
CA VAL A 68 -23.52 -35.87 6.08
C VAL A 68 -23.29 -37.31 6.40
N GLY A 69 -23.95 -37.82 7.44
CA GLY A 69 -23.97 -39.25 7.79
C GLY A 69 -23.40 -39.44 9.18
N SER A 70 -24.09 -40.20 10.02
CA SER A 70 -23.60 -40.56 11.35
C SER A 70 -22.20 -41.16 11.31
N ARG A 71 -21.86 -41.88 10.23
CA ARG A 71 -20.57 -42.56 10.15
C ARG A 71 -19.45 -41.84 9.47
N ARG A 72 -19.72 -40.64 9.00
CA ARG A 72 -18.65 -39.77 8.45
C ARG A 72 -17.54 -39.50 9.51
N MET A 73 -16.28 -39.80 9.16
CA MET A 73 -15.13 -39.46 9.98
C MET A 73 -14.85 -37.96 9.85
N VAL A 74 -14.64 -37.32 11.00
CA VAL A 74 -14.49 -35.89 11.05
C VAL A 74 -13.21 -35.64 11.80
N ASP A 75 -12.40 -34.72 11.29
CA ASP A 75 -11.22 -34.20 11.99
C ASP A 75 -11.70 -33.25 13.08
N VAL A 76 -11.28 -33.54 14.30
CA VAL A 76 -11.57 -32.74 15.45
C VAL A 76 -10.27 -32.15 15.99
N MET A 77 -10.33 -30.92 16.46
CA MET A 77 -9.15 -30.32 17.07
C MET A 77 -9.31 -30.34 18.61
N ASP A 78 -8.29 -30.85 19.26
CA ASP A 78 -8.11 -30.75 20.73
C ASP A 78 -7.60 -29.35 21.01
N VAL A 79 -8.43 -28.52 21.60
CA VAL A 79 -8.12 -27.15 21.82
C VAL A 79 -6.84 -26.93 22.63
N ASN A 80 -6.66 -27.73 23.69
CA ASN A 80 -5.52 -27.61 24.59
C ASN A 80 -4.16 -27.78 23.90
N THR A 81 -4.09 -28.67 22.94
CA THR A 81 -2.88 -28.99 22.23
C THR A 81 -2.79 -28.39 20.82
N GLN A 82 -3.92 -27.97 20.24
CA GLN A 82 -4.02 -27.62 18.80
C GLN A 82 -3.66 -28.79 17.84
N LYS A 83 -3.78 -30.01 18.31
CA LYS A 83 -3.57 -31.19 17.50
C LYS A 83 -4.91 -31.77 17.09
N GLY A 84 -4.86 -32.65 16.10
CA GLY A 84 -6.06 -33.27 15.55
C GLY A 84 -6.32 -34.66 16.14
N ILE A 85 -7.58 -35.03 16.28
CA ILE A 85 -8.00 -36.43 16.48
C ILE A 85 -9.12 -36.69 15.49
N GLU A 86 -9.61 -37.91 15.43
CA GLU A 86 -10.68 -38.28 14.53
C GLU A 86 -11.81 -38.94 15.24
N MET A 87 -13.04 -38.55 14.93
CA MET A 87 -14.18 -39.34 15.36
C MET A 87 -15.32 -39.34 14.34
N THR A 88 -16.31 -40.19 14.56
CA THR A 88 -17.51 -40.15 13.71
C THR A 88 -18.40 -38.93 13.99
N MET A 89 -19.22 -38.54 13.00
CA MET A 89 -20.10 -37.43 13.22
C MET A 89 -21.08 -37.69 14.35
N ALA A 90 -21.49 -38.96 14.53
CA ALA A 90 -22.39 -39.31 15.61
C ALA A 90 -21.71 -39.13 16.97
N GLN A 91 -20.44 -39.51 17.06
CA GLN A 91 -19.65 -39.25 18.24
C GLN A 91 -19.45 -37.74 18.53
N TRP A 92 -19.17 -36.94 17.51
CA TRP A 92 -19.09 -35.50 17.60
C TRP A 92 -20.40 -34.91 18.11
N THR A 93 -21.50 -35.40 17.55
CA THR A 93 -22.80 -34.91 17.97
C THR A 93 -23.07 -35.19 19.47
N ARG A 94 -22.74 -36.39 19.93
CA ARG A 94 -22.89 -36.72 21.31
C ARG A 94 -22.05 -35.76 22.19
N TYR A 95 -20.79 -35.51 21.80
CA TYR A 95 -19.96 -34.57 22.53
C TYR A 95 -20.62 -33.19 22.54
N TYR A 96 -21.13 -32.72 21.42
CA TYR A 96 -21.68 -31.39 21.32
C TYR A 96 -22.96 -31.22 22.13
N GLU A 97 -23.75 -32.28 22.25
CA GLU A 97 -25.00 -32.25 22.99
C GLU A 97 -24.80 -32.50 24.47
N THR A 98 -23.58 -32.92 24.88
CA THR A 98 -23.22 -33.07 26.31
C THR A 98 -23.19 -31.69 27.00
N PRO A 99 -23.80 -31.56 28.23
CA PRO A 99 -23.71 -30.30 28.96
C PRO A 99 -22.26 -29.89 29.23
N GLU A 100 -22.03 -28.58 29.22
CA GLU A 100 -20.71 -27.94 29.32
C GLU A 100 -19.88 -28.51 30.48
N GLU A 101 -20.50 -28.54 31.66
CA GLU A 101 -19.88 -29.11 32.86
C GLU A 101 -19.49 -30.57 32.77
N GLU A 102 -20.11 -31.30 31.84
CA GLU A 102 -19.83 -32.72 31.70
C GLU A 102 -18.79 -33.04 30.62
N ARG A 103 -18.39 -32.05 29.84
CA ARG A 103 -17.35 -32.30 28.83
C ARG A 103 -15.97 -32.34 29.50
N GLU A 104 -15.21 -33.40 29.23
CA GLU A 104 -13.87 -33.53 29.80
C GLU A 104 -12.86 -32.52 29.24
N LYS A 105 -12.82 -32.41 27.92
CA LYS A 105 -11.89 -31.51 27.21
C LYS A 105 -12.69 -30.68 26.23
N LEU A 106 -12.05 -29.66 25.69
CA LEU A 106 -12.63 -28.75 24.72
C LEU A 106 -12.18 -29.26 23.38
N TYR A 107 -13.14 -29.55 22.51
CA TYR A 107 -12.84 -29.95 21.12
C TYR A 107 -13.60 -29.04 20.18
N ASN A 108 -13.03 -28.83 18.98
CA ASN A 108 -13.56 -27.95 17.99
C ASN A 108 -13.57 -28.65 16.63
N VAL A 109 -14.61 -28.46 15.83
CA VAL A 109 -14.63 -28.95 14.44
C VAL A 109 -14.59 -27.77 13.52
N ILE A 110 -13.51 -27.68 12.80
CA ILE A 110 -13.30 -26.58 11.88
C ILE A 110 -13.07 -27.00 10.42
N SER A 111 -13.25 -28.28 10.10
CA SER A 111 -12.79 -28.78 8.87
C SER A 111 -13.72 -29.78 8.18
N LEU A 112 -15.02 -29.64 8.42
CA LEU A 112 -15.97 -30.52 7.84
C LEU A 112 -16.44 -30.01 6.47
N GLU A 113 -15.84 -30.50 5.41
CA GLU A 113 -16.22 -30.03 4.05
C GLU A 113 -17.37 -30.89 3.54
N PHE A 114 -18.53 -30.25 3.30
CA PHE A 114 -19.74 -30.97 3.05
C PHE A 114 -20.24 -30.91 1.60
N SER A 115 -19.41 -30.50 0.64
CA SER A 115 -19.81 -30.66 -0.74
C SER A 115 -20.12 -32.12 -1.01
N HIS A 116 -21.09 -32.34 -1.90
CA HIS A 116 -21.57 -33.68 -2.34
C HIS A 116 -22.25 -34.50 -1.25
N THR A 117 -22.84 -33.80 -0.27
CA THR A 117 -23.72 -34.37 0.70
C THR A 117 -25.04 -33.59 0.55
N ARG A 118 -26.06 -34.06 1.25
N ARG A 118 -26.06 -34.06 1.25
CA ARG A 118 -27.39 -33.42 1.29
CA ARG A 118 -27.39 -33.42 1.29
C ARG A 118 -27.35 -31.99 1.79
C ARG A 118 -27.34 -31.98 1.78
N LEU A 119 -26.39 -31.69 2.67
CA LEU A 119 -26.23 -30.32 3.14
C LEU A 119 -25.78 -29.29 2.12
N GLU A 120 -25.11 -29.75 1.06
CA GLU A 120 -24.59 -28.87 0.04
C GLU A 120 -25.59 -27.88 -0.52
N ASN A 121 -26.76 -28.35 -0.91
CA ASN A 121 -27.74 -27.43 -1.49
C ASN A 121 -28.44 -26.54 -0.50
N MET A 122 -28.26 -26.76 0.79
CA MET A 122 -28.82 -25.87 1.79
C MET A 122 -28.00 -24.64 2.08
N VAL A 123 -26.77 -24.56 1.53
CA VAL A 123 -25.83 -23.45 1.82
C VAL A 123 -25.30 -22.92 0.50
N GLN A 124 -25.41 -21.61 0.30
CA GLN A 124 -24.83 -20.98 -0.89
C GLN A 124 -23.99 -19.83 -0.45
N ARG A 125 -22.82 -19.71 -1.05
CA ARG A 125 -21.88 -18.68 -0.64
C ARG A 125 -22.20 -17.37 -1.35
N PRO A 126 -21.53 -16.26 -0.98
CA PRO A 126 -21.84 -15.03 -1.70
C PRO A 126 -21.66 -15.17 -3.18
N SER A 127 -22.60 -14.65 -3.93
CA SER A 127 -22.53 -14.70 -5.40
C SER A 127 -21.29 -14.23 -5.99
N THR A 128 -20.78 -13.09 -5.53
CA THR A 128 -19.54 -12.53 -6.09
C THR A 128 -18.37 -13.54 -6.07
N VAL A 129 -18.30 -14.33 -5.02
CA VAL A 129 -17.24 -15.37 -4.90
C VAL A 129 -17.28 -16.35 -6.10
N ASP A 130 -18.49 -16.73 -6.54
CA ASP A 130 -18.63 -17.66 -7.66
C ASP A 130 -18.01 -17.10 -8.92
N PHE A 131 -18.09 -15.77 -9.09
CA PHE A 131 -17.51 -15.15 -10.28
C PHE A 131 -16.00 -15.16 -10.31
N ILE A 132 -15.36 -15.25 -9.16
CA ILE A 132 -13.88 -15.13 -9.07
C ILE A 132 -13.11 -16.35 -8.55
N ASP A 133 -13.83 -17.29 -7.91
CA ASP A 133 -13.21 -18.55 -7.46
C ASP A 133 -12.57 -19.31 -8.61
N TRP A 134 -11.32 -19.68 -8.41
CA TRP A 134 -10.56 -20.42 -9.35
C TRP A 134 -11.16 -21.79 -9.54
N VAL A 135 -11.74 -22.38 -8.50
CA VAL A 135 -12.36 -23.67 -8.69
C VAL A 135 -13.43 -23.61 -9.73
N ASP A 136 -14.34 -22.66 -9.60
CA ASP A 136 -15.48 -22.54 -10.54
C ASP A 136 -15.12 -22.05 -11.92
N ASN A 137 -14.06 -21.26 -12.03
CA ASN A 137 -13.78 -20.58 -13.26
C ASN A 137 -12.59 -21.13 -14.02
N MET A 138 -11.72 -21.85 -13.35
CA MET A 138 -10.51 -22.30 -14.00
C MET A 138 -10.37 -23.82 -14.11
N TRP A 139 -10.82 -24.57 -13.10
CA TRP A 139 -10.65 -26.05 -13.10
C TRP A 139 -11.53 -26.72 -14.17
N PRO A 140 -10.99 -27.64 -15.01
CA PRO A 140 -11.78 -28.39 -16.01
C PRO A 140 -13.14 -28.91 -15.44
N ARG A 141 -14.21 -28.45 -16.06
CA ARG A 141 -15.50 -28.59 -15.46
C ARG A 141 -15.92 -30.07 -15.37
N HIS A 142 -15.53 -30.87 -16.37
CA HIS A 142 -15.88 -32.29 -16.36
C HIS A 142 -15.20 -33.03 -15.23
N LEU A 143 -14.13 -32.49 -14.68
CA LEU A 143 -13.52 -33.13 -13.52
C LEU A 143 -14.30 -32.79 -12.25
N LYS A 144 -14.59 -31.54 -12.12
CA LYS A 144 -15.35 -31.12 -10.96
C LYS A 144 -16.68 -31.89 -10.89
N GLU A 145 -17.36 -31.99 -12.01
CA GLU A 145 -18.68 -32.62 -12.01
C GLU A 145 -18.66 -34.09 -11.73
N SER A 146 -17.51 -34.72 -11.89
CA SER A 146 -17.38 -36.12 -11.70
C SER A 146 -17.21 -36.55 -10.23
N GLN A 147 -16.93 -35.64 -9.34
CA GLN A 147 -16.74 -35.94 -7.91
C GLN A 147 -17.94 -36.62 -7.29
N THR A 148 -17.69 -37.78 -6.71
CA THR A 148 -18.73 -38.48 -5.96
C THR A 148 -18.44 -38.57 -4.46
N GLU A 149 -17.18 -38.60 -4.09
CA GLU A 149 -16.81 -38.73 -2.69
C GLU A 149 -17.13 -37.47 -1.88
N SER A 150 -17.82 -37.65 -0.78
CA SER A 150 -18.17 -36.50 0.05
C SER A 150 -17.14 -36.19 1.15
N THR A 151 -16.18 -37.11 1.40
CA THR A 151 -15.05 -36.81 2.30
C THR A 151 -13.88 -36.17 1.55
N ASN A 152 -12.85 -35.76 2.28
CA ASN A 152 -11.66 -35.15 1.69
C ASN A 152 -10.52 -36.16 1.45
N ALA A 153 -10.89 -37.45 1.30
CA ALA A 153 -9.97 -38.52 0.81
C ALA A 153 -9.30 -38.11 -0.51
N ILE A 154 -7.97 -37.98 -0.45
CA ILE A 154 -7.23 -37.35 -1.56
C ILE A 154 -7.25 -38.22 -2.85
N LEU A 155 -7.24 -39.54 -2.71
CA LEU A 155 -7.27 -40.41 -3.90
C LEU A 155 -8.59 -40.36 -4.67
N GLU A 156 -9.68 -39.97 -4.04
CA GLU A 156 -11.00 -39.78 -4.67
C GLU A 156 -11.28 -38.37 -5.19
N MET A 157 -10.39 -37.41 -4.88
CA MET A 157 -10.66 -36.00 -5.09
C MET A 157 -10.33 -35.59 -6.52
N GLN A 158 -11.32 -35.07 -7.23
CA GLN A 158 -11.19 -34.71 -8.66
C GLN A 158 -10.91 -33.24 -8.89
N TYR A 159 -11.07 -32.44 -7.84
CA TYR A 159 -10.83 -30.99 -7.84
C TYR A 159 -10.50 -30.55 -6.42
N PRO A 160 -10.03 -29.30 -6.21
CA PRO A 160 -9.78 -28.86 -4.84
C PRO A 160 -11.06 -28.67 -4.02
N LYS A 161 -11.37 -29.65 -3.19
CA LYS A 161 -12.65 -29.68 -2.47
C LYS A 161 -12.50 -28.90 -1.18
N VAL A 162 -12.60 -27.58 -1.32
CA VAL A 162 -12.36 -26.67 -0.24
C VAL A 162 -13.45 -25.56 -0.19
N GLN A 163 -14.60 -25.78 -0.81
CA GLN A 163 -15.53 -24.70 -1.04
C GLN A 163 -16.57 -24.50 0.09
N LYS A 164 -16.97 -25.55 0.77
CA LYS A 164 -18.07 -25.38 1.77
C LYS A 164 -17.77 -26.20 3.02
N TYR A 165 -17.50 -25.52 4.14
CA TYR A 165 -17.15 -26.14 5.38
C TYR A 165 -18.17 -25.74 6.43
N CYS A 166 -18.41 -26.67 7.34
CA CYS A 166 -19.26 -26.50 8.49
C CYS A 166 -18.28 -26.49 9.67
N LEU A 167 -18.41 -25.49 10.52
CA LEU A 167 -17.63 -25.41 11.71
C LEU A 167 -18.54 -25.43 12.90
N MET A 168 -18.16 -26.21 13.90
CA MET A 168 -19.03 -26.46 15.04
C MET A 168 -18.14 -26.33 16.24
N SER A 169 -18.45 -25.36 17.08
CA SER A 169 -17.51 -24.95 18.08
C SER A 169 -18.28 -24.75 19.37
N VAL A 170 -17.77 -25.31 20.43
CA VAL A 170 -18.37 -25.13 21.77
C VAL A 170 -17.74 -23.93 22.46
N ARG A 171 -18.43 -23.43 23.49
CA ARG A 171 -17.99 -22.28 24.23
C ARG A 171 -16.64 -22.54 24.79
N GLY A 172 -15.73 -21.58 24.64
CA GLY A 172 -14.40 -21.70 25.14
C GLY A 172 -13.38 -22.18 24.10
N CYS A 173 -13.83 -22.60 22.92
CA CYS A 173 -12.87 -23.05 21.89
C CYS A 173 -11.98 -21.89 21.44
N TYR A 174 -10.73 -22.21 21.12
CA TYR A 174 -9.78 -21.25 20.61
C TYR A 174 -8.94 -21.92 19.53
N THR A 175 -8.79 -21.25 18.39
CA THR A 175 -7.89 -21.66 17.29
C THR A 175 -6.72 -20.61 17.26
N ASP A 176 -5.50 -21.08 17.43
CA ASP A 176 -4.37 -20.20 17.53
C ASP A 176 -4.05 -19.58 16.14
N PHE A 177 -3.13 -18.62 16.14
CA PHE A 177 -2.90 -17.80 14.96
C PHE A 177 -2.45 -18.63 13.80
N HIS A 178 -2.99 -18.31 12.63
CA HIS A 178 -2.62 -19.05 11.42
C HIS A 178 -2.99 -18.23 10.21
N VAL A 179 -2.52 -18.72 9.08
CA VAL A 179 -2.94 -18.25 7.77
C VAL A 179 -3.66 -19.42 7.05
N ASP A 180 -4.81 -19.14 6.47
CA ASP A 180 -5.61 -20.20 5.83
C ASP A 180 -4.80 -20.80 4.68
N PHE A 181 -5.08 -22.06 4.40
CA PHE A 181 -4.21 -22.79 3.49
C PHE A 181 -4.10 -22.21 2.07
N GLY A 182 -2.87 -22.27 1.50
CA GLY A 182 -2.58 -21.77 0.16
C GLY A 182 -2.69 -20.29 -0.08
N GLY A 183 -2.81 -19.53 0.99
CA GLY A 183 -3.16 -18.14 0.87
C GLY A 183 -4.59 -17.88 0.43
N THR A 184 -5.46 -18.84 0.65
CA THR A 184 -6.85 -18.67 0.30
C THR A 184 -7.47 -17.46 1.07
N SER A 185 -8.42 -16.84 0.41
CA SER A 185 -9.38 -15.96 1.03
C SER A 185 -10.53 -16.79 1.54
N VAL A 186 -11.24 -16.30 2.56
CA VAL A 186 -12.22 -17.07 3.28
C VAL A 186 -13.46 -16.19 3.41
N TRP A 187 -14.63 -16.80 3.23
CA TRP A 187 -15.91 -16.20 3.63
C TRP A 187 -16.40 -17.05 4.79
N TYR A 188 -17.06 -16.41 5.73
CA TYR A 188 -17.33 -17.05 7.02
C TYR A 188 -18.68 -16.43 7.54
N HIS A 189 -19.70 -17.27 7.68
CA HIS A 189 -21.06 -16.82 8.10
C HIS A 189 -21.47 -17.43 9.44
N ILE A 190 -21.79 -16.56 10.41
CA ILE A 190 -22.20 -16.97 11.73
C ILE A 190 -23.70 -17.28 11.61
N HIS A 191 -23.97 -18.58 11.47
CA HIS A 191 -25.30 -19.03 11.44
C HIS A 191 -25.96 -18.92 12.85
N GLN A 192 -25.27 -19.39 13.87
CA GLN A 192 -25.72 -19.23 15.25
C GLN A 192 -24.52 -19.05 16.12
N GLY A 193 -24.63 -18.14 17.07
CA GLY A 193 -23.64 -17.98 18.09
C GLY A 193 -22.82 -16.72 17.89
N GLY A 194 -21.52 -16.82 18.04
CA GLY A 194 -20.61 -15.69 17.86
C GLY A 194 -19.16 -16.12 17.95
N LYS A 195 -18.28 -15.30 17.39
CA LYS A 195 -16.85 -15.57 17.35
C LYS A 195 -16.10 -14.22 17.62
N VAL A 196 -14.90 -14.32 18.17
CA VAL A 196 -14.02 -13.18 18.33
C VAL A 196 -12.74 -13.53 17.56
N PHE A 197 -12.33 -12.62 16.67
CA PHE A 197 -11.16 -12.77 15.84
C PHE A 197 -10.10 -11.74 16.28
N TRP A 198 -8.82 -12.14 16.32
CA TRP A 198 -7.73 -11.20 16.36
C TRP A 198 -7.11 -11.23 14.95
N LEU A 199 -6.99 -10.07 14.33
CA LEU A 199 -6.56 -9.93 12.91
C LEU A 199 -5.23 -9.19 12.80
N ILE A 200 -4.32 -9.72 12.00
CA ILE A 200 -2.99 -9.19 11.89
C ILE A 200 -2.76 -9.13 10.39
N PRO A 201 -2.29 -7.97 9.87
CA PRO A 201 -2.14 -7.76 8.45
C PRO A 201 -0.89 -8.46 7.90
N PRO A 202 -0.95 -8.93 6.63
CA PRO A 202 0.20 -9.64 6.03
C PRO A 202 1.31 -8.74 5.46
N THR A 203 1.83 -7.86 6.29
CA THR A 203 2.99 -7.04 5.92
C THR A 203 4.14 -8.03 5.91
N ALA A 204 5.16 -7.70 5.13
CA ALA A 204 6.38 -8.52 5.05
C ALA A 204 7.02 -8.78 6.45
N HIS A 205 6.96 -7.79 7.32
CA HIS A 205 7.46 -7.92 8.68
C HIS A 205 6.63 -8.91 9.52
N ASN A 206 5.30 -8.77 9.47
CA ASN A 206 4.45 -9.70 10.19
C ASN A 206 4.48 -11.14 9.67
N LEU A 207 4.62 -11.29 8.35
CA LEU A 207 4.74 -12.63 7.81
C LEU A 207 6.08 -13.28 8.18
N GLU A 208 7.14 -12.49 8.31
CA GLU A 208 8.41 -13.04 8.83
C GLU A 208 8.25 -13.43 10.29
N LEU A 209 7.54 -12.63 11.08
CA LEU A 209 7.36 -12.97 12.48
C LEU A 209 6.60 -14.27 12.60
N TYR A 210 5.51 -14.37 11.87
CA TYR A 210 4.70 -15.56 11.74
C TYR A 210 5.49 -16.80 11.38
N GLU A 211 6.31 -16.74 10.32
CA GLU A 211 7.11 -17.89 9.99
C GLU A 211 8.09 -18.25 11.13
N ASN A 212 8.76 -17.24 11.68
CA ASN A 212 9.69 -17.44 12.79
C ASN A 212 8.99 -18.03 14.00
N TRP A 213 7.75 -17.61 14.26
CA TRP A 213 6.98 -18.12 15.38
C TRP A 213 6.66 -19.58 15.12
N LEU A 214 6.24 -19.94 13.89
CA LEU A 214 6.03 -21.36 13.52
C LEU A 214 7.31 -22.18 13.61
N LEU A 215 8.43 -21.64 13.14
CA LEU A 215 9.68 -22.43 13.19
C LEU A 215 10.22 -22.62 14.62
N SER A 216 9.85 -21.74 15.54
CA SER A 216 10.31 -21.79 16.93
C SER A 216 9.63 -22.91 17.69
N GLY A 217 8.45 -23.32 17.23
CA GLY A 217 7.66 -24.31 17.94
C GLY A 217 7.11 -23.81 19.28
N LYS A 218 7.17 -22.49 19.54
CA LYS A 218 6.81 -21.90 20.87
C LYS A 218 5.50 -21.12 20.86
N GLN A 219 4.53 -21.69 20.13
CA GLN A 219 3.22 -21.09 19.90
C GLN A 219 2.25 -21.13 21.11
N GLY A 220 2.43 -22.13 21.97
CA GLY A 220 1.76 -22.18 23.27
C GLY A 220 2.28 -21.11 24.25
N ASP A 221 3.51 -20.65 24.04
CA ASP A 221 4.21 -19.70 24.93
C ASP A 221 4.08 -18.22 24.57
N ILE A 222 3.83 -17.94 23.31
CA ILE A 222 3.86 -16.58 22.80
C ILE A 222 2.53 -16.29 22.12
N PHE A 223 1.78 -15.31 22.61
CA PHE A 223 0.61 -14.78 21.89
C PHE A 223 1.11 -13.84 20.79
N LEU A 224 0.90 -14.24 19.53
CA LEU A 224 1.50 -13.56 18.40
C LEU A 224 1.04 -12.13 18.25
N GLY A 225 -0.20 -11.85 18.61
CA GLY A 225 -0.79 -10.53 18.50
C GLY A 225 -0.12 -9.48 19.38
N ASP A 226 0.59 -9.93 20.41
CA ASP A 226 1.53 -9.07 21.14
C ASP A 226 2.83 -8.75 20.38
N ARG A 227 3.34 -9.70 19.60
CA ARG A 227 4.61 -9.56 18.88
C ARG A 227 4.58 -8.70 17.60
N VAL A 228 3.39 -8.28 17.18
CA VAL A 228 3.26 -7.57 15.90
C VAL A 228 3.03 -6.09 16.09
N SER A 229 3.19 -5.38 14.98
CA SER A 229 3.03 -3.95 14.90
C SER A 229 1.64 -3.49 15.31
N ASP A 230 0.64 -4.21 14.80
CA ASP A 230 -0.79 -3.80 14.84
C ASP A 230 -1.75 -5.00 14.71
N CYS A 231 -2.81 -5.00 15.52
CA CYS A 231 -3.71 -6.14 15.64
C CYS A 231 -5.08 -5.58 15.98
N GLN A 232 -6.11 -6.01 15.24
CA GLN A 232 -7.52 -5.71 15.58
C GLN A 232 -8.25 -6.93 16.17
N ARG A 233 -8.84 -6.76 17.34
CA ARG A 233 -9.70 -7.76 17.91
C ARG A 233 -11.10 -7.30 17.61
N ILE A 234 -11.94 -8.18 17.11
CA ILE A 234 -13.27 -7.78 16.66
C ILE A 234 -14.23 -8.94 16.86
N GLU A 235 -15.48 -8.63 17.17
CA GLU A 235 -16.51 -9.62 17.45
C GLU A 235 -17.40 -9.74 16.28
N LEU A 236 -17.67 -10.98 15.89
CA LEU A 236 -18.65 -11.25 14.87
C LEU A 236 -19.81 -11.82 15.59
N LYS A 237 -20.96 -11.28 15.31
CA LYS A 237 -22.21 -11.71 15.86
C LYS A 237 -23.04 -12.53 14.86
N GLN A 238 -24.14 -13.05 15.38
CA GLN A 238 -25.01 -13.94 14.62
C GLN A 238 -25.62 -13.23 13.40
N GLY A 239 -25.52 -13.88 12.26
CA GLY A 239 -25.93 -13.29 11.01
C GLY A 239 -24.89 -12.47 10.26
N TYR A 240 -23.74 -12.20 10.84
CA TYR A 240 -22.72 -11.46 10.12
C TYR A 240 -22.04 -12.41 9.14
N THR A 241 -21.54 -11.83 8.05
CA THR A 241 -20.67 -12.57 7.12
C THR A 241 -19.37 -11.81 7.03
N PHE A 242 -18.25 -12.53 7.21
CA PHE A 242 -16.93 -11.98 7.27
C PHE A 242 -16.12 -12.48 6.06
N VAL A 243 -15.39 -11.60 5.37
CA VAL A 243 -14.46 -12.00 4.29
C VAL A 243 -13.06 -11.65 4.65
N ILE A 244 -12.20 -12.64 4.62
CA ILE A 244 -10.81 -12.49 5.09
C ILE A 244 -9.93 -12.61 3.84
N PRO A 245 -9.11 -11.56 3.53
CA PRO A 245 -8.27 -11.59 2.35
C PRO A 245 -7.09 -12.53 2.55
N SER A 246 -6.45 -12.84 1.42
CA SER A 246 -5.32 -13.72 1.40
C SER A 246 -4.29 -13.21 2.37
N GLY A 247 -3.73 -14.13 3.11
CA GLY A 247 -2.53 -13.88 3.94
C GLY A 247 -2.74 -13.33 5.32
N TRP A 248 -3.96 -12.93 5.66
CA TRP A 248 -4.22 -12.40 7.01
C TRP A 248 -4.05 -13.46 8.12
N ILE A 249 -3.29 -13.08 9.14
CA ILE A 249 -2.90 -13.95 10.21
C ILE A 249 -3.99 -13.73 11.26
N HIS A 250 -4.59 -14.78 11.75
CA HIS A 250 -5.77 -14.61 12.57
C HIS A 250 -5.92 -15.78 13.54
N ALA A 251 -6.50 -15.45 14.68
CA ALA A 251 -6.81 -16.38 15.77
C ALA A 251 -8.27 -16.11 16.18
N VAL A 252 -8.93 -17.14 16.68
CA VAL A 252 -10.32 -17.13 16.88
C VAL A 252 -10.73 -17.77 18.22
N TYR A 253 -11.62 -17.10 18.90
CA TYR A 253 -12.17 -17.56 20.16
C TYR A 253 -13.70 -17.64 20.01
N THR A 254 -14.26 -18.67 20.65
CA THR A 254 -15.65 -18.95 20.59
C THR A 254 -16.32 -18.68 21.97
N PRO A 255 -17.03 -17.56 22.11
CA PRO A 255 -17.62 -17.22 23.44
C PRO A 255 -18.94 -17.95 23.77
N THR A 256 -19.51 -18.62 22.81
CA THR A 256 -20.80 -19.27 23.02
C THR A 256 -20.83 -20.41 22.04
N ASP A 257 -21.62 -21.47 22.29
CA ASP A 257 -21.76 -22.55 21.32
C ASP A 257 -22.14 -22.01 19.96
N THR A 258 -21.41 -22.40 18.93
CA THR A 258 -21.69 -21.79 17.63
C THR A 258 -21.57 -22.72 16.45
N LEU A 259 -22.37 -22.40 15.44
CA LEU A 259 -22.37 -23.04 14.17
C LEU A 259 -22.07 -21.98 13.05
N VAL A 260 -21.09 -22.32 12.20
CA VAL A 260 -20.60 -21.48 11.14
C VAL A 260 -20.55 -22.22 9.83
N PHE A 261 -20.91 -21.51 8.77
CA PHE A 261 -20.71 -21.99 7.40
C PHE A 261 -19.77 -21.05 6.70
N GLY A 262 -18.76 -21.61 6.02
CA GLY A 262 -17.76 -20.79 5.39
C GLY A 262 -17.03 -21.60 4.33
N GLY A 263 -16.02 -21.01 3.73
CA GLY A 263 -15.29 -21.69 2.67
C GLY A 263 -14.14 -20.85 2.14
N ASN A 264 -13.34 -21.50 1.32
CA ASN A 264 -12.04 -21.01 0.91
C ASN A 264 -12.10 -20.80 -0.55
N PHE A 265 -11.31 -19.83 -1.04
CA PHE A 265 -11.19 -19.63 -2.47
C PHE A 265 -9.89 -18.96 -2.79
N LEU A 266 -9.26 -19.40 -3.89
CA LEU A 266 -8.22 -18.64 -4.50
C LEU A 266 -8.83 -17.78 -5.60
N HIS A 267 -8.16 -16.65 -5.92
CA HIS A 267 -8.64 -15.72 -6.97
C HIS A 267 -7.48 -15.03 -7.68
N SER A 268 -7.77 -14.34 -8.78
CA SER A 268 -6.71 -13.85 -9.66
C SER A 268 -6.17 -12.44 -9.28
N PHE A 269 -6.66 -11.86 -8.18
CA PHE A 269 -6.40 -10.49 -7.83
C PHE A 269 -5.35 -10.36 -6.72
N ASN A 270 -4.97 -11.47 -6.11
CA ASN A 270 -3.88 -11.44 -5.14
C ASN A 270 -3.01 -12.69 -5.19
N ILE A 271 -2.63 -13.01 -6.42
CA ILE A 271 -1.75 -14.10 -6.66
C ILE A 271 -0.45 -14.02 -5.92
N PRO A 272 0.24 -12.84 -5.90
CA PRO A 272 1.53 -12.77 -5.19
C PRO A 272 1.46 -13.19 -3.73
N MET A 273 0.42 -12.71 -3.06
CA MET A 273 0.23 -13.13 -1.67
C MET A 273 -0.07 -14.68 -1.54
N GLN A 274 -0.93 -15.20 -2.42
CA GLN A 274 -1.20 -16.66 -2.47
C GLN A 274 0.07 -17.49 -2.55
N LEU A 275 0.98 -17.07 -3.42
CA LEU A 275 2.22 -17.81 -3.64
C LEU A 275 3.13 -17.68 -2.44
N LYS A 276 3.08 -16.50 -1.81
CA LYS A 276 3.89 -16.21 -0.65
C LYS A 276 3.53 -17.14 0.51
N ILE A 277 2.24 -17.24 0.79
CA ILE A 277 1.75 -18.20 1.79
C ILE A 277 2.10 -19.63 1.50
N TYR A 278 1.89 -20.06 0.28
CA TYR A 278 2.30 -21.38 -0.15
C TYR A 278 3.76 -21.64 0.19
N SER A 279 4.63 -20.65 -0.04
CA SER A 279 6.06 -20.86 0.20
C SER A 279 6.41 -20.88 1.68
N ILE A 280 5.62 -20.24 2.54
CA ILE A 280 5.78 -20.37 3.99
C ILE A 280 5.39 -21.78 4.42
N GLU A 281 4.30 -22.32 3.86
CA GLU A 281 3.92 -23.73 4.14
C GLU A 281 5.07 -24.70 3.77
N ASP A 282 5.69 -24.43 2.65
CA ASP A 282 6.76 -25.32 2.15
C ASP A 282 7.97 -25.31 3.11
N ARG A 283 8.38 -24.12 3.51
CA ARG A 283 9.53 -23.91 4.35
C ARG A 283 9.26 -24.36 5.78
N THR A 284 8.05 -24.19 6.29
CA THR A 284 7.77 -24.66 7.65
C THR A 284 7.32 -26.15 7.68
N ARG A 285 7.39 -26.84 6.55
CA ARG A 285 7.07 -28.25 6.37
C ARG A 285 5.64 -28.65 6.78
N VAL A 286 4.64 -27.86 6.39
CA VAL A 286 3.27 -28.25 6.65
C VAL A 286 2.95 -29.57 5.91
N PRO A 287 2.43 -30.61 6.61
CA PRO A 287 2.01 -31.79 5.85
C PRO A 287 0.96 -31.46 4.78
N ASN A 288 1.01 -32.15 3.64
CA ASN A 288 0.02 -31.94 2.57
C ASN A 288 -1.46 -32.01 3.02
N LYS A 289 -1.77 -32.88 3.99
CA LYS A 289 -3.11 -32.99 4.57
C LYS A 289 -3.74 -31.60 4.89
N PHE A 290 -2.91 -30.67 5.35
CA PHE A 290 -3.43 -29.35 5.82
C PHE A 290 -3.31 -28.25 4.78
N ARG A 291 -3.08 -28.61 3.53
CA ARG A 291 -2.79 -27.65 2.48
C ARG A 291 -3.89 -27.68 1.41
N TYR A 292 -3.81 -26.74 0.49
CA TYR A 292 -4.74 -26.67 -0.62
C TYR A 292 -4.41 -27.81 -1.61
N PRO A 293 -5.40 -28.68 -1.86
CA PRO A 293 -5.14 -29.76 -2.82
C PRO A 293 -4.94 -29.29 -4.23
N PHE A 294 -3.98 -29.89 -4.91
CA PHE A 294 -3.76 -29.66 -6.32
C PHE A 294 -3.45 -28.18 -6.63
N TYR A 295 -2.72 -27.52 -5.74
CA TYR A 295 -2.38 -26.13 -5.83
C TYR A 295 -1.68 -25.72 -7.11
N TYR A 296 -0.54 -26.31 -7.40
CA TYR A 296 0.15 -25.94 -8.62
C TYR A 296 -0.56 -26.35 -9.90
N GLU A 297 -1.21 -27.50 -9.88
CA GLU A 297 -2.05 -27.92 -10.92
C GLU A 297 -3.06 -26.86 -11.25
N MET A 298 -3.76 -26.34 -10.24
CA MET A 298 -4.70 -25.28 -10.45
C MET A 298 -4.04 -24.06 -11.11
N CYS A 299 -2.84 -23.70 -10.63
CA CYS A 299 -2.12 -22.56 -11.19
C CYS A 299 -1.83 -22.75 -12.69
N TRP A 300 -1.44 -23.98 -13.09
CA TRP A 300 -1.27 -24.24 -14.53
C TRP A 300 -2.59 -23.99 -15.30
N TYR A 301 -3.69 -24.52 -14.79
CA TYR A 301 -4.97 -24.32 -15.43
C TYR A 301 -5.38 -22.86 -15.52
N VAL A 302 -5.02 -22.08 -14.50
CA VAL A 302 -5.25 -20.61 -14.51
C VAL A 302 -4.53 -19.98 -15.68
N LEU A 303 -3.27 -20.32 -15.90
CA LEU A 303 -2.54 -19.75 -17.03
C LEU A 303 -3.16 -20.09 -18.33
N GLU A 304 -3.62 -21.31 -18.46
CA GLU A 304 -4.23 -21.77 -19.70
C GLU A 304 -5.50 -21.01 -19.99
N ARG A 305 -6.36 -20.83 -18.99
CA ARG A 305 -7.62 -20.12 -19.18
C ARG A 305 -7.40 -18.69 -19.60
N TYR A 306 -6.45 -18.00 -18.99
CA TYR A 306 -6.14 -16.65 -19.39
C TYR A 306 -5.71 -16.54 -20.85
N VAL A 307 -4.78 -17.41 -21.26
CA VAL A 307 -4.36 -17.46 -22.63
C VAL A 307 -5.50 -17.74 -23.56
N TYR A 308 -6.33 -18.75 -23.23
CA TYR A 308 -7.40 -19.12 -24.07
C TYR A 308 -8.46 -18.02 -24.18
N CYS A 309 -8.87 -17.46 -23.08
CA CYS A 309 -9.92 -16.47 -23.11
C CYS A 309 -9.50 -15.22 -23.84
N ILE A 310 -8.21 -14.86 -23.79
CA ILE A 310 -7.72 -13.65 -24.41
C ILE A 310 -7.32 -13.86 -25.87
N THR A 311 -6.66 -14.96 -26.19
CA THR A 311 -6.09 -15.18 -27.51
C THR A 311 -6.81 -16.27 -28.29
N ASN A 312 -7.68 -17.03 -27.63
CA ASN A 312 -8.30 -18.19 -28.21
C ASN A 312 -7.37 -19.35 -28.58
N ARG A 313 -6.13 -19.37 -28.07
CA ARG A 313 -5.19 -20.47 -28.30
C ARG A 313 -5.27 -21.41 -27.05
N SER A 314 -5.67 -22.65 -27.23
CA SER A 314 -5.77 -23.62 -26.14
C SER A 314 -4.47 -24.35 -25.88
N HIS A 315 -4.06 -24.49 -24.62
CA HIS A 315 -2.96 -25.40 -24.29
C HIS A 315 -3.42 -26.65 -23.53
N LEU A 316 -4.72 -26.92 -23.64
CA LEU A 316 -5.26 -28.21 -23.15
C LEU A 316 -5.03 -29.30 -24.16
N THR A 317 -4.86 -30.50 -23.68
CA THR A 317 -4.94 -31.69 -24.57
C THR A 317 -6.20 -31.67 -25.42
N LYS A 318 -6.10 -32.23 -26.62
CA LYS A 318 -7.31 -32.50 -27.46
C LYS A 318 -8.50 -33.08 -26.72
N ASP A 319 -8.26 -34.08 -25.88
CA ASP A 319 -9.32 -34.68 -25.13
C ASP A 319 -9.95 -33.73 -24.14
N PHE A 320 -9.16 -32.90 -23.46
CA PHE A 320 -9.72 -31.89 -22.54
C PHE A 320 -10.45 -30.82 -23.30
N GLN A 321 -9.94 -30.45 -24.50
CA GLN A 321 -10.69 -29.46 -25.37
C GLN A 321 -12.07 -29.96 -25.73
N LYS A 322 -12.11 -31.25 -26.06
CA LYS A 322 -13.35 -31.91 -26.45
C LYS A 322 -14.31 -31.95 -25.30
N GLU A 323 -13.82 -32.37 -24.13
CA GLU A 323 -14.66 -32.33 -22.90
C GLU A 323 -15.23 -30.95 -22.62
N SER A 324 -14.39 -29.90 -22.79
CA SER A 324 -14.84 -28.55 -22.60
C SER A 324 -15.88 -28.13 -23.63
N LEU A 325 -15.61 -28.38 -24.90
CA LEU A 325 -16.64 -28.15 -25.96
C LEU A 325 -18.00 -28.82 -25.77
N SER A 326 -17.98 -30.08 -25.32
CA SER A 326 -19.21 -30.76 -25.04
C SER A 326 -19.98 -30.02 -23.96
N MET A 327 -19.28 -29.60 -22.92
CA MET A 327 -19.95 -28.83 -21.85
C MET A 327 -20.49 -27.44 -22.25
N ASP A 328 -19.79 -26.77 -23.17
CA ASP A 328 -20.26 -25.51 -23.74
C ASP A 328 -21.59 -25.72 -24.47
N MET A 329 -21.80 -26.89 -25.02
CA MET A 329 -23.05 -27.21 -25.73
C MET A 329 -24.22 -27.75 -24.90
N GLU A 330 -24.18 -27.65 -23.57
CA GLU A 330 -25.26 -28.23 -22.74
C GLU A 330 -26.46 -27.29 -22.51
N GLN B 2 -5.95 -4.50 -27.12
CA GLN B 2 -7.43 -4.40 -27.29
C GLN B 2 -8.14 -4.77 -25.97
N VAL B 3 -7.73 -5.87 -25.33
CA VAL B 3 -8.18 -6.23 -23.94
C VAL B 3 -7.38 -5.47 -22.85
N HIS B 4 -8.04 -5.15 -21.74
CA HIS B 4 -7.41 -4.41 -20.62
C HIS B 4 -7.53 -5.20 -19.33
N LEU B 5 -6.42 -5.77 -18.87
CA LEU B 5 -6.34 -6.40 -17.53
C LEU B 5 -6.08 -5.42 -16.41
N THR B 6 -6.52 -5.73 -15.19
CA THR B 6 -6.09 -4.92 -14.02
C THR B 6 -4.63 -5.16 -13.75
N HIS B 7 -3.98 -4.19 -13.12
CA HIS B 7 -2.62 -4.30 -12.67
C HIS B 7 -2.48 -5.39 -11.62
N PHE B 8 -3.50 -5.57 -10.80
CA PHE B 8 -3.53 -6.75 -9.89
C PHE B 8 -3.31 -8.05 -10.66
N GLU B 9 -4.04 -8.22 -11.75
CA GLU B 9 -3.91 -9.42 -12.56
C GLU B 9 -2.62 -9.51 -13.32
N LEU B 10 -2.16 -8.39 -13.87
CA LEU B 10 -0.89 -8.38 -14.58
C LEU B 10 0.29 -8.71 -13.69
N GLU B 11 0.30 -8.09 -12.52
CA GLU B 11 1.37 -8.40 -11.56
C GLU B 11 1.29 -9.91 -11.18
N GLY B 12 0.07 -10.36 -10.87
CA GLY B 12 -0.20 -11.76 -10.45
C GLY B 12 0.24 -12.78 -11.47
N LEU B 13 -0.10 -12.53 -12.71
CA LEU B 13 0.21 -13.46 -13.73
C LEU B 13 1.72 -13.53 -13.99
N ARG B 14 2.43 -12.40 -13.90
CA ARG B 14 3.90 -12.42 -14.05
C ARG B 14 4.51 -13.21 -12.89
N CYS B 15 4.02 -13.03 -11.66
CA CYS B 15 4.47 -13.87 -10.55
C CYS B 15 4.21 -15.36 -10.80
N LEU B 16 3.02 -15.65 -11.30
CA LEU B 16 2.63 -17.00 -11.51
C LEU B 16 3.54 -17.73 -12.60
N VAL B 17 3.75 -17.04 -13.70
CA VAL B 17 4.54 -17.59 -14.78
C VAL B 17 5.99 -17.84 -14.32
N ASP B 18 6.56 -16.85 -13.63
CA ASP B 18 7.92 -16.92 -13.10
C ASP B 18 7.99 -18.11 -12.10
N LYS B 19 7.02 -18.20 -11.20
CA LYS B 19 6.92 -19.34 -10.29
C LYS B 19 6.90 -20.73 -11.00
N LEU B 20 5.96 -20.95 -11.91
CA LEU B 20 5.79 -22.26 -12.45
C LEU B 20 6.93 -22.64 -13.36
N GLU B 21 7.45 -21.66 -14.07
CA GLU B 21 8.57 -21.92 -14.93
C GLU B 21 9.84 -22.36 -14.19
N SER B 22 10.06 -21.85 -13.00
CA SER B 22 11.24 -22.07 -12.19
C SER B 22 11.23 -23.28 -11.24
N LEU B 23 10.12 -24.02 -11.20
CA LEU B 23 10.04 -25.18 -10.39
C LEU B 23 10.72 -26.28 -11.16
N PRO B 24 11.41 -27.17 -10.45
CA PRO B 24 12.00 -28.33 -11.08
C PRO B 24 10.88 -29.35 -11.43
N LEU B 25 11.21 -30.30 -12.31
CA LEU B 25 10.20 -31.27 -12.87
C LEU B 25 9.41 -31.99 -11.80
N HIS B 26 10.11 -32.49 -10.80
CA HIS B 26 9.48 -33.17 -9.68
C HIS B 26 8.61 -32.31 -8.75
N LYS B 27 8.58 -31.00 -8.94
CA LYS B 27 7.67 -30.13 -8.13
C LYS B 27 6.72 -29.31 -9.01
N LYS B 28 6.87 -29.36 -10.33
CA LYS B 28 6.08 -28.54 -11.27
C LYS B 28 4.58 -28.86 -11.28
N CYS B 29 4.27 -30.14 -11.05
CA CYS B 29 2.88 -30.63 -10.98
C CYS B 29 2.08 -30.22 -12.22
N VAL B 30 2.62 -30.45 -13.41
CA VAL B 30 1.89 -30.11 -14.62
C VAL B 30 0.68 -31.04 -14.64
N PRO B 31 -0.56 -30.50 -14.77
CA PRO B 31 -1.67 -31.42 -14.69
C PRO B 31 -1.93 -32.18 -15.96
N THR B 32 -2.73 -33.21 -15.81
CA THR B 32 -3.00 -34.11 -16.92
C THR B 32 -3.72 -33.41 -18.11
N GLY B 33 -4.53 -32.41 -17.87
CA GLY B 33 -5.11 -31.70 -19.01
C GLY B 33 -4.23 -30.82 -19.90
N ILE B 34 -2.98 -30.53 -19.47
CA ILE B 34 -2.14 -29.61 -20.16
C ILE B 34 -1.28 -30.30 -21.19
N GLU B 35 -1.21 -29.73 -22.38
CA GLU B 35 -0.52 -30.35 -23.49
C GLU B 35 0.99 -30.01 -23.38
N ASP B 36 1.40 -28.87 -23.92
CA ASP B 36 2.78 -28.44 -23.87
C ASP B 36 2.98 -27.24 -22.94
N GLU B 37 3.41 -27.51 -21.71
CA GLU B 37 3.55 -26.50 -20.67
C GLU B 37 4.64 -25.45 -21.04
N ASP B 38 5.70 -25.85 -21.74
CA ASP B 38 6.68 -24.84 -22.24
C ASP B 38 6.08 -23.84 -23.24
N ALA B 39 5.24 -24.32 -24.17
CA ALA B 39 4.59 -23.41 -25.13
C ALA B 39 3.54 -22.50 -24.42
N LEU B 40 2.82 -23.06 -23.45
CA LEU B 40 1.90 -22.25 -22.62
C LEU B 40 2.66 -21.11 -21.90
N ILE B 41 3.78 -21.43 -21.26
CA ILE B 41 4.62 -20.43 -20.64
C ILE B 41 5.05 -19.37 -21.63
N ALA B 42 5.60 -19.81 -22.76
CA ALA B 42 6.04 -18.88 -23.82
C ALA B 42 4.93 -17.93 -24.21
N ASP B 43 3.74 -18.48 -24.37
CA ASP B 43 2.57 -17.66 -24.72
C ASP B 43 2.09 -16.65 -23.67
N VAL B 44 2.13 -17.05 -22.41
CA VAL B 44 1.79 -16.16 -21.33
C VAL B 44 2.80 -14.98 -21.35
N LYS B 45 4.09 -15.26 -21.49
CA LYS B 45 5.12 -14.17 -21.58
C LYS B 45 4.83 -13.16 -22.69
N ILE B 46 4.46 -13.67 -23.87
CA ILE B 46 4.10 -12.78 -25.01
C ILE B 46 2.88 -11.99 -24.65
N LEU B 47 1.90 -12.67 -24.12
CA LEU B 47 0.67 -12.01 -23.76
C LEU B 47 0.85 -10.89 -22.74
N LEU B 48 1.66 -11.11 -21.72
CA LEU B 48 1.88 -10.11 -20.71
C LEU B 48 2.61 -8.89 -21.23
N GLU B 49 3.48 -9.08 -22.22
CA GLU B 49 4.14 -7.94 -22.88
C GLU B 49 3.11 -7.12 -23.65
N GLU B 50 2.29 -7.78 -24.42
CA GLU B 50 1.26 -7.10 -25.16
C GLU B 50 0.19 -6.45 -24.30
N LEU B 51 -0.09 -6.97 -23.11
CA LEU B 51 -1.05 -6.36 -22.17
C LEU B 51 -0.50 -5.40 -21.15
N ALA B 52 0.83 -5.15 -21.21
CA ALA B 52 1.51 -4.34 -20.22
C ALA B 52 0.99 -2.91 -20.19
N SER B 53 0.49 -2.40 -21.33
CA SER B 53 -0.14 -1.08 -21.42
C SER B 53 -1.62 -1.04 -21.15
N SER B 54 -2.17 -2.05 -20.48
CA SER B 54 -3.55 -1.98 -20.08
C SER B 54 -3.84 -0.68 -19.36
N ASP B 55 -4.89 -0.05 -19.82
CA ASP B 55 -5.50 1.11 -19.22
C ASP B 55 -6.22 0.70 -17.91
N PRO B 56 -5.73 1.13 -16.74
CA PRO B 56 -6.45 0.78 -15.53
C PRO B 56 -7.92 1.17 -15.50
N LYS B 57 -8.33 2.24 -16.15
CA LYS B 57 -9.80 2.60 -16.14
C LYS B 57 -10.63 1.63 -16.90
N LEU B 58 -10.17 1.28 -18.08
CA LEU B 58 -10.94 0.46 -18.96
C LEU B 58 -11.01 -0.99 -18.49
N ALA B 59 -10.05 -1.43 -17.68
CA ALA B 59 -10.09 -2.76 -17.11
C ALA B 59 -11.24 -2.91 -16.09
N LEU B 60 -11.74 -1.81 -15.54
CA LEU B 60 -12.79 -1.90 -14.48
C LEU B 60 -14.18 -2.14 -15.05
N THR B 61 -14.32 -3.26 -15.73
CA THR B 61 -15.52 -3.65 -16.46
C THR B 61 -16.66 -4.21 -15.64
N GLY B 62 -16.35 -4.64 -14.43
CA GLY B 62 -17.30 -5.38 -13.63
C GLY B 62 -17.60 -6.81 -14.10
N VAL B 63 -16.79 -7.37 -15.00
CA VAL B 63 -16.99 -8.69 -15.49
C VAL B 63 -15.60 -9.36 -15.57
N PRO B 64 -15.44 -10.59 -15.02
CA PRO B 64 -14.11 -11.18 -15.12
C PRO B 64 -13.72 -11.53 -16.55
N ILE B 65 -12.43 -11.42 -16.82
CA ILE B 65 -11.87 -11.83 -18.10
C ILE B 65 -12.17 -13.31 -18.38
N VAL B 66 -12.01 -14.14 -17.37
CA VAL B 66 -12.16 -15.56 -17.53
C VAL B 66 -13.54 -15.97 -17.03
N GLN B 67 -14.35 -16.46 -17.94
CA GLN B 67 -15.70 -16.95 -17.66
C GLN B 67 -15.96 -18.11 -18.64
N TRP B 68 -16.79 -19.05 -18.22
CA TRP B 68 -17.24 -20.08 -19.12
C TRP B 68 -18.40 -19.53 -20.02
N PRO B 69 -18.37 -19.80 -21.34
CA PRO B 69 -19.40 -19.41 -22.30
C PRO B 69 -20.52 -20.40 -22.27
N ALA C 1 -4.50 -45.78 7.04
CA ALA C 1 -5.65 -44.83 6.88
C ALA C 1 -5.51 -44.09 5.55
N PRO C 2 -6.64 -43.88 4.81
CA PRO C 2 -6.52 -43.08 3.56
C PRO C 2 -6.04 -41.60 3.81
N ALA C 3 -5.22 -41.09 2.91
CA ALA C 3 -4.73 -39.68 2.99
C ALA C 3 -5.84 -38.69 2.64
N THR C 4 -5.85 -37.56 3.33
CA THR C 4 -6.83 -36.51 3.12
C THR C 4 -6.11 -35.24 2.65
N GLY C 5 -6.87 -34.28 2.14
CA GLY C 5 -6.35 -32.99 1.76
C GLY C 5 -7.37 -31.91 2.10
N GLY C 6 -6.95 -30.65 2.24
CA GLY C 6 -7.90 -29.56 2.53
C GLY C 6 -8.46 -29.61 3.95
N VAL C 7 -7.60 -30.06 4.89
CA VAL C 7 -7.89 -30.09 6.34
C VAL C 7 -7.41 -28.74 6.94
N CYS C 8 -8.35 -27.99 7.50
CA CYS C 8 -8.09 -26.72 8.17
C CYS C 8 -7.66 -27.00 9.62
N LYS C 9 -6.43 -26.61 9.97
CA LYS C 9 -5.94 -26.61 11.35
C LYS C 9 -4.62 -25.79 11.42
N PRO C 10 -4.37 -24.99 12.51
CA PRO C 10 -3.01 -24.31 12.67
C PRO C 10 -1.73 -25.26 12.72
N HIS C 11 -0.57 -24.70 12.30
CA HIS C 11 0.79 -25.33 12.38
C HIS C 11 1.03 -26.41 11.32
N ARG D 2 -1.79 25.97 -25.78
CA ARG D 2 -2.67 24.87 -25.33
C ARG D 2 -3.78 24.59 -26.35
N THR D 3 -3.95 23.31 -26.72
CA THR D 3 -5.09 22.88 -27.56
C THR D 3 -6.15 22.15 -26.75
N PHE D 4 -5.89 21.90 -25.47
CA PHE D 4 -6.96 21.45 -24.57
C PHE D 4 -7.60 22.66 -23.91
N ASP D 5 -8.81 22.47 -23.42
CA ASP D 5 -9.66 23.57 -23.02
C ASP D 5 -9.72 23.62 -21.51
N LEU D 6 -8.98 24.57 -20.92
CA LEU D 6 -8.80 24.61 -19.47
C LEU D 6 -10.15 24.77 -18.74
N GLU D 7 -11.00 25.64 -19.28
CA GLU D 7 -12.34 25.82 -18.70
C GLU D 7 -13.07 24.46 -18.45
N GLU D 8 -13.02 23.57 -19.44
CA GLU D 8 -13.58 22.24 -19.27
C GLU D 8 -12.98 21.43 -18.11
N LYS D 9 -11.67 21.48 -17.99
CA LYS D 9 -10.96 20.78 -16.91
C LYS D 9 -11.35 21.28 -15.52
N LEU D 10 -11.79 22.54 -15.46
CA LEU D 10 -12.27 23.14 -14.19
C LEU D 10 -13.73 22.85 -13.86
N GLN D 11 -14.57 22.58 -14.87
CA GLN D 11 -16.03 22.36 -14.69
C GLN D 11 -16.43 20.90 -14.67
N THR D 12 -15.65 20.04 -15.31
CA THR D 12 -16.01 18.62 -15.40
C THR D 12 -16.10 18.00 -14.02
N ASN D 13 -16.97 17.02 -13.82
CA ASN D 13 -16.93 16.35 -12.56
C ASN D 13 -16.09 15.06 -12.59
N LYS D 14 -15.29 14.85 -13.63
CA LYS D 14 -14.59 13.56 -13.77
C LYS D 14 -13.29 13.37 -12.91
N TYR D 15 -12.73 14.45 -12.37
CA TYR D 15 -11.48 14.35 -11.58
C TYR D 15 -11.88 14.15 -10.13
N ASN D 16 -12.48 12.99 -9.89
CA ASN D 16 -13.23 12.74 -8.65
C ASN D 16 -12.59 11.74 -7.72
N ALA D 17 -11.29 11.49 -7.87
CA ALA D 17 -10.60 10.65 -6.91
C ALA D 17 -10.55 11.40 -5.58
N ASN D 18 -10.30 10.65 -4.53
CA ASN D 18 -10.37 11.11 -3.19
C ASN D 18 -9.09 10.71 -2.44
N PHE D 19 -8.10 11.61 -2.46
CA PHE D 19 -6.73 11.28 -2.00
C PHE D 19 -6.32 12.03 -0.76
N VAL D 20 -7.05 13.06 -0.42
CA VAL D 20 -6.55 14.03 0.50
C VAL D 20 -7.25 13.79 1.80
N THR D 21 -6.49 13.85 2.90
CA THR D 21 -7.00 13.79 4.22
C THR D 21 -7.07 15.14 4.81
N PHE D 22 -8.18 15.41 5.47
CA PHE D 22 -8.33 16.63 6.20
C PHE D 22 -7.94 16.34 7.64
N MET D 23 -7.01 17.13 8.14
CA MET D 23 -6.39 16.87 9.40
C MET D 23 -6.56 18.08 10.26
N GLU D 24 -6.47 17.86 11.56
CA GLU D 24 -6.26 18.93 12.49
C GLU D 24 -4.78 19.10 12.78
N GLY D 25 -4.35 20.35 12.97
CA GLY D 25 -2.94 20.69 13.13
C GLY D 25 -2.25 19.96 14.23
N LYS D 26 -2.92 19.82 15.38
CA LYS D 26 -2.30 19.08 16.50
C LYS D 26 -1.96 17.60 16.22
N ASP D 27 -2.65 16.98 15.26
CA ASP D 27 -2.40 15.56 14.91
C ASP D 27 -1.24 15.40 13.95
N PHE D 28 -0.72 16.51 13.42
CA PHE D 28 0.43 16.47 12.52
C PHE D 28 1.69 16.66 13.36
N ASN D 29 2.24 15.55 13.83
CA ASN D 29 3.43 15.56 14.64
C ASN D 29 4.43 14.53 14.16
N VAL D 30 5.57 14.46 14.87
CA VAL D 30 6.63 13.52 14.47
C VAL D 30 6.12 12.07 14.55
N GLU D 31 5.33 11.70 15.56
CA GLU D 31 4.81 10.31 15.57
C GLU D 31 3.98 9.95 14.34
N TYR D 32 3.13 10.90 13.89
CA TYR D 32 2.30 10.71 12.71
C TYR D 32 3.17 10.36 11.51
N ILE D 33 4.28 11.08 11.39
CA ILE D 33 5.20 10.94 10.29
C ILE D 33 5.86 9.59 10.42
N GLN D 34 6.35 9.26 11.62
CA GLN D 34 6.97 7.96 11.85
C GLN D 34 6.02 6.81 11.46
N ARG D 35 4.77 6.98 11.82
CA ARG D 35 3.73 5.98 11.60
C ARG D 35 3.31 5.85 10.15
N GLY D 36 3.15 6.97 9.47
CA GLY D 36 2.61 6.99 8.10
C GLY D 36 3.60 7.26 6.99
N GLY D 37 4.80 7.76 7.34
CA GLY D 37 5.81 8.15 6.34
C GLY D 37 5.49 9.34 5.40
N LEU D 38 4.53 10.17 5.80
CA LEU D 38 4.09 11.33 5.04
C LEU D 38 3.78 10.97 3.55
N ARG D 39 2.89 10.02 3.40
CA ARG D 39 2.52 9.47 2.09
C ARG D 39 1.20 10.02 1.61
N ASP D 40 0.43 10.64 2.49
CA ASP D 40 -0.90 11.17 2.15
C ASP D 40 -0.93 12.71 2.00
N PRO D 41 -1.54 13.25 0.91
CA PRO D 41 -1.69 14.70 0.83
C PRO D 41 -2.63 15.14 1.95
N LEU D 42 -2.38 16.29 2.53
CA LEU D 42 -3.10 16.77 3.73
C LEU D 42 -3.55 18.22 3.55
N ILE D 43 -4.77 18.52 3.99
CA ILE D 43 -5.27 19.82 4.07
C ILE D 43 -5.65 20.09 5.54
N PHE D 44 -5.19 21.24 6.01
CA PHE D 44 -5.52 21.82 7.28
C PHE D 44 -6.34 23.05 6.95
N LYS D 45 -7.63 22.95 7.19
CA LYS D 45 -8.56 24.06 6.92
C LYS D 45 -8.38 25.21 7.88
N ASN D 46 -7.86 25.00 9.08
CA ASN D 46 -7.30 26.12 9.80
C ASN D 46 -5.97 25.72 10.31
N SER D 47 -5.27 26.71 10.83
CA SER D 47 -3.88 26.55 11.23
C SER D 47 -3.67 26.27 12.72
N ASP D 48 -4.73 26.20 13.50
CA ASP D 48 -4.63 25.83 14.92
C ASP D 48 -3.79 24.55 15.08
N GLY D 49 -2.80 24.64 15.96
CA GLY D 49 -1.90 23.57 16.24
C GLY D 49 -0.79 23.28 15.24
N LEU D 50 -0.63 24.07 14.18
CA LEU D 50 0.42 23.81 13.17
C LEU D 50 1.75 24.44 13.51
N GLY D 51 1.70 25.45 14.38
CA GLY D 51 2.80 26.35 14.71
C GLY D 51 3.22 27.26 13.55
N ILE D 52 2.30 27.64 12.67
CA ILE D 52 2.70 28.58 11.58
C ILE D 52 2.63 30.04 12.03
N LYS D 53 3.28 30.91 11.30
CA LYS D 53 3.11 32.32 11.54
C LYS D 53 3.04 32.94 10.16
N MET D 54 2.15 33.90 9.97
CA MET D 54 2.01 34.56 8.67
C MET D 54 1.89 36.06 8.86
N PRO D 55 2.25 36.84 7.84
CA PRO D 55 2.02 38.27 7.87
C PRO D 55 0.54 38.64 8.05
N ASP D 56 0.28 39.92 8.33
CA ASP D 56 -1.08 40.50 8.40
C ASP D 56 -1.99 40.02 7.24
N PRO D 57 -3.31 39.85 7.49
CA PRO D 57 -4.16 39.35 6.43
C PRO D 57 -4.26 40.20 5.16
N ASP D 58 -3.95 41.50 5.24
CA ASP D 58 -4.00 42.40 4.09
C ASP D 58 -2.59 42.75 3.58
N PHE D 59 -1.60 41.92 3.89
CA PHE D 59 -0.26 42.13 3.34
C PHE D 59 -0.39 42.22 1.81
N THR D 60 0.32 43.17 1.22
CA THR D 60 0.20 43.43 -0.23
C THR D 60 1.47 42.95 -0.92
N VAL D 61 1.45 42.92 -2.23
CA VAL D 61 2.63 42.60 -3.00
C VAL D 61 3.57 43.79 -2.84
N ASN D 62 3.10 45.03 -2.69
CA ASN D 62 4.05 46.10 -2.39
C ASN D 62 4.79 45.89 -1.05
N ASP D 63 4.14 45.24 -0.08
CA ASP D 63 4.82 44.89 1.21
C ASP D 63 5.95 43.84 0.99
N VAL D 64 5.71 42.89 0.09
CA VAL D 64 6.68 41.87 -0.26
C VAL D 64 7.84 42.60 -0.84
N LYS D 65 7.58 43.52 -1.75
CA LYS D 65 8.61 44.36 -2.33
C LYS D 65 9.46 45.14 -1.36
N MET D 66 8.79 45.85 -0.46
CA MET D 66 9.42 46.64 0.58
C MET D 66 10.35 45.74 1.42
N CYS D 67 9.90 44.49 1.66
CA CYS D 67 10.63 43.47 2.46
C CYS D 67 11.83 42.78 1.78
N VAL D 68 11.76 42.59 0.47
CA VAL D 68 12.81 41.86 -0.25
C VAL D 68 13.67 42.79 -1.11
N GLY D 69 13.15 44.00 -1.43
CA GLY D 69 13.91 45.03 -2.13
C GLY D 69 13.36 45.27 -3.52
N SER D 70 13.08 46.53 -3.85
CA SER D 70 12.54 46.92 -5.18
C SER D 70 13.41 46.40 -6.31
N ARG D 71 14.71 46.24 -6.07
CA ARG D 71 15.62 45.79 -7.12
C ARG D 71 15.92 44.34 -7.15
N ARG D 72 15.40 43.57 -6.23
CA ARG D 72 15.54 42.12 -6.37
C ARG D 72 15.02 41.61 -7.74
N MET D 73 15.84 40.84 -8.46
CA MET D 73 15.37 40.17 -9.66
C MET D 73 14.59 38.93 -9.26
N VAL D 74 13.45 38.77 -9.93
CA VAL D 74 12.55 37.71 -9.73
C VAL D 74 12.36 37.01 -11.05
N ASP D 75 12.32 35.68 -11.02
CA ASP D 75 11.91 34.86 -12.18
C ASP D 75 10.39 34.84 -12.28
N VAL D 76 9.89 35.24 -13.44
CA VAL D 76 8.45 35.34 -13.67
C VAL D 76 8.09 34.40 -14.85
N MET D 77 7.05 33.58 -14.67
CA MET D 77 6.58 32.63 -15.67
C MET D 77 5.53 33.31 -16.63
N ASP D 78 5.80 33.30 -17.94
CA ASP D 78 4.78 33.56 -18.98
C ASP D 78 3.86 32.37 -19.03
N VAL D 79 2.63 32.55 -18.60
CA VAL D 79 1.71 31.46 -18.43
C VAL D 79 1.41 30.70 -19.75
N ASN D 80 1.17 31.48 -20.80
CA ASN D 80 0.86 30.99 -22.13
C ASN D 80 1.85 29.99 -22.63
N THR D 81 3.14 30.25 -22.36
CA THR D 81 4.23 29.38 -22.79
C THR D 81 4.84 28.47 -21.70
N GLN D 82 4.57 28.73 -20.41
CA GLN D 82 5.20 27.97 -19.32
C GLN D 82 6.74 28.16 -19.31
N LYS D 83 7.23 29.26 -19.88
CA LYS D 83 8.66 29.63 -19.83
C LYS D 83 8.81 30.88 -18.94
N GLY D 84 10.06 31.17 -18.60
CA GLY D 84 10.39 32.25 -17.71
C GLY D 84 11.01 33.49 -18.35
N ILE D 85 10.79 34.62 -17.71
CA ILE D 85 11.50 35.89 -17.97
C ILE D 85 11.94 36.45 -16.61
N GLU D 86 12.65 37.56 -16.64
CA GLU D 86 13.15 38.19 -15.42
C GLU D 86 12.68 39.63 -15.28
N MET D 87 12.34 40.03 -14.08
CA MET D 87 12.05 41.40 -13.79
C MET D 87 12.34 41.75 -12.35
N THR D 88 12.47 43.05 -12.09
CA THR D 88 12.70 43.50 -10.73
C THR D 88 11.39 43.33 -9.98
N MET D 89 11.49 43.27 -8.66
CA MET D 89 10.30 43.22 -7.83
C MET D 89 9.41 44.42 -7.99
N ALA D 90 10.02 45.59 -8.17
CA ALA D 90 9.26 46.81 -8.43
C ALA D 90 8.49 46.69 -9.75
N GLN D 91 9.09 46.12 -10.79
CA GLN D 91 8.38 45.83 -12.03
C GLN D 91 7.19 44.86 -11.84
N TRP D 92 7.46 43.73 -11.17
CA TRP D 92 6.46 42.75 -10.82
C TRP D 92 5.33 43.37 -10.03
N THR D 93 5.65 44.23 -9.09
CA THR D 93 4.63 44.89 -8.27
C THR D 93 3.70 45.79 -9.13
N ARG D 94 4.28 46.52 -10.07
CA ARG D 94 3.52 47.32 -10.96
C ARG D 94 2.53 46.49 -11.79
N TYR D 95 3.03 45.41 -12.39
CA TYR D 95 2.19 44.46 -13.09
C TYR D 95 1.07 43.92 -12.23
N TYR D 96 1.37 43.47 -11.03
CA TYR D 96 0.36 42.93 -10.16
C TYR D 96 -0.70 43.95 -9.74
N GLU D 97 -0.29 45.19 -9.51
CA GLU D 97 -1.23 46.26 -9.13
C GLU D 97 -2.09 46.80 -10.27
N THR D 98 -1.77 46.38 -11.51
CA THR D 98 -2.54 46.70 -12.73
C THR D 98 -3.89 45.97 -12.67
N PRO D 99 -5.03 46.71 -12.89
CA PRO D 99 -6.35 46.06 -12.90
C PRO D 99 -6.41 44.97 -13.95
N GLU D 100 -7.14 43.92 -13.63
CA GLU D 100 -7.16 42.70 -14.40
C GLU D 100 -7.34 42.93 -15.88
N GLU D 101 -8.36 43.72 -16.21
CA GLU D 101 -8.68 44.02 -17.61
C GLU D 101 -7.59 44.78 -18.33
N GLU D 102 -6.73 45.49 -17.62
CA GLU D 102 -5.64 46.20 -18.26
C GLU D 102 -4.34 45.41 -18.35
N ARG D 103 -4.27 44.21 -17.79
CA ARG D 103 -3.05 43.41 -17.98
C ARG D 103 -2.99 42.82 -19.38
N GLU D 104 -1.82 42.94 -20.00
CA GLU D 104 -1.58 42.44 -21.36
C GLU D 104 -1.55 40.89 -21.37
N LYS D 105 -0.48 40.35 -20.80
CA LYS D 105 -0.27 38.89 -20.66
C LYS D 105 -0.50 38.41 -19.21
N LEU D 106 -0.57 37.09 -19.04
CA LEU D 106 -0.74 36.42 -17.75
C LEU D 106 0.63 36.02 -17.30
N TYR D 107 1.04 36.47 -16.13
CA TYR D 107 2.36 36.17 -15.59
C TYR D 107 2.20 35.71 -14.16
N ASN D 108 3.13 34.85 -13.72
CA ASN D 108 3.06 34.17 -12.45
C ASN D 108 4.45 34.14 -11.83
N VAL D 109 4.52 34.40 -10.53
CA VAL D 109 5.81 34.34 -9.80
C VAL D 109 5.66 33.15 -8.85
N ILE D 110 6.44 32.11 -9.08
CA ILE D 110 6.28 30.88 -8.25
C ILE D 110 7.55 30.45 -7.55
N SER D 111 8.52 31.35 -7.52
CA SER D 111 9.88 31.01 -7.28
C SER D 111 10.69 32.03 -6.47
N LEU D 112 10.02 32.89 -5.70
CA LEU D 112 10.71 33.91 -4.94
C LEU D 112 11.08 33.33 -3.54
N GLU D 113 12.31 32.84 -3.41
CA GLU D 113 12.76 32.30 -2.14
C GLU D 113 13.29 33.49 -1.28
N PHE D 114 12.67 33.71 -0.13
CA PHE D 114 12.95 34.87 0.65
C PHE D 114 13.66 34.66 1.97
N SER D 115 14.35 33.53 2.15
CA SER D 115 15.28 33.42 3.28
C SER D 115 16.33 34.52 3.15
N HIS D 116 16.83 34.98 4.31
CA HIS D 116 17.85 36.06 4.46
C HIS D 116 17.44 37.43 3.92
N THR D 117 16.12 37.68 3.86
CA THR D 117 15.55 38.99 3.67
C THR D 117 14.76 39.32 4.95
N ARG D 118 14.31 40.56 5.08
CA ARG D 118 13.47 41.03 6.20
C ARG D 118 12.13 40.27 6.27
N LEU D 119 11.65 39.72 5.17
CA LEU D 119 10.40 38.93 5.18
C LEU D 119 10.54 37.58 5.84
N GLU D 120 11.75 37.05 5.95
CA GLU D 120 11.88 35.73 6.49
C GLU D 120 11.23 35.57 7.85
N ASN D 121 11.35 36.54 8.71
CA ASN D 121 10.87 36.33 10.08
C ASN D 121 9.37 36.54 10.26
N MET D 122 8.73 36.96 9.18
CA MET D 122 7.29 37.10 9.18
C MET D 122 6.54 35.80 8.87
N VAL D 123 7.24 34.77 8.41
CA VAL D 123 6.62 33.56 7.99
C VAL D 123 7.35 32.40 8.66
N GLN D 124 6.56 31.51 9.29
CA GLN D 124 7.12 30.32 9.95
C GLN D 124 6.35 29.15 9.44
N ARG D 125 7.05 28.13 8.98
CA ARG D 125 6.36 26.96 8.43
C ARG D 125 5.87 26.07 9.58
N PRO D 126 5.14 25.01 9.26
CA PRO D 126 4.69 24.12 10.31
C PRO D 126 5.86 23.58 11.11
N SER D 127 5.72 23.67 12.41
CA SER D 127 6.67 23.08 13.38
C SER D 127 7.20 21.74 13.09
N THR D 128 6.25 20.83 12.81
CA THR D 128 6.61 19.50 12.52
C THR D 128 7.64 19.37 11.38
N VAL D 129 7.48 20.17 10.31
CA VAL D 129 8.49 20.20 9.19
C VAL D 129 9.90 20.46 9.74
N ASP D 130 10.00 21.39 10.68
CA ASP D 130 11.34 21.71 11.23
C ASP D 130 12.02 20.51 11.85
N PHE D 131 11.23 19.59 12.42
CA PHE D 131 11.79 18.40 12.98
C PHE D 131 12.33 17.39 12.00
N ILE D 132 11.85 17.39 10.77
CA ILE D 132 12.22 16.32 9.81
C ILE D 132 12.93 16.83 8.54
N ASP D 133 12.96 18.15 8.34
CA ASP D 133 13.66 18.77 7.22
C ASP D 133 15.11 18.47 7.25
N TRP D 134 15.61 17.95 6.14
CA TRP D 134 16.99 17.66 6.02
C TRP D 134 17.86 18.88 6.13
N VAL D 135 17.41 20.03 5.61
CA VAL D 135 18.23 21.22 5.67
C VAL D 135 18.55 21.59 7.13
N ASP D 136 17.54 21.65 7.98
CA ASP D 136 17.71 21.96 9.39
C ASP D 136 18.36 20.89 10.26
N ASN D 137 18.27 19.63 9.91
CA ASN D 137 18.73 18.58 10.78
C ASN D 137 19.98 17.88 10.32
N MET D 138 20.28 18.03 9.05
CA MET D 138 21.40 17.32 8.44
C MET D 138 22.55 18.15 7.89
N TRP D 139 22.24 19.29 7.28
CA TRP D 139 23.30 20.09 6.61
C TRP D 139 24.16 20.72 7.68
N PRO D 140 25.49 20.77 7.52
CA PRO D 140 26.35 21.47 8.51
C PRO D 140 25.92 22.90 8.83
N ARG D 141 25.68 23.15 10.11
CA ARG D 141 24.94 24.31 10.53
C ARG D 141 25.76 25.57 10.33
N HIS D 142 27.09 25.46 10.47
CA HIS D 142 27.89 26.65 10.27
C HIS D 142 27.83 27.13 8.82
N LEU D 143 27.59 26.22 7.86
CA LEU D 143 27.43 26.62 6.42
C LEU D 143 26.10 27.34 6.22
N LYS D 144 25.05 26.77 6.76
CA LYS D 144 23.74 27.41 6.66
C LYS D 144 23.75 28.82 7.28
N GLU D 145 24.38 28.95 8.44
CA GLU D 145 24.48 30.25 9.13
C GLU D 145 25.33 31.29 8.42
N SER D 146 26.24 30.84 7.55
CA SER D 146 27.08 31.72 6.81
C SER D 146 26.39 32.40 5.64
N GLN D 147 25.22 31.92 5.23
CA GLN D 147 24.53 32.46 4.09
C GLN D 147 24.18 33.94 4.23
N THR D 148 24.58 34.75 3.24
CA THR D 148 24.31 36.20 3.21
C THR D 148 23.46 36.58 2.05
N GLU D 149 23.66 35.90 0.92
CA GLU D 149 22.90 36.23 -0.27
C GLU D 149 21.40 35.83 -0.13
N SER D 150 20.54 36.77 -0.47
CA SER D 150 19.13 36.59 -0.33
C SER D 150 18.47 36.10 -1.62
N THR D 151 19.18 36.12 -2.77
CA THR D 151 18.76 35.44 -4.01
C THR D 151 19.28 34.01 -4.05
N ASN D 152 18.81 33.31 -5.08
CA ASN D 152 19.21 31.95 -5.31
C ASN D 152 20.39 31.79 -6.28
N ALA D 153 21.27 32.77 -6.30
CA ALA D 153 22.48 32.74 -7.14
C ALA D 153 23.39 31.56 -6.64
N ILE D 154 23.63 30.63 -7.55
CA ILE D 154 24.19 29.36 -7.14
C ILE D 154 25.61 29.51 -6.58
N LEU D 155 26.38 30.42 -7.14
CA LEU D 155 27.76 30.62 -6.64
C LEU D 155 27.87 31.12 -5.20
N GLU D 156 26.83 31.81 -4.71
CA GLU D 156 26.72 32.32 -3.36
C GLU D 156 25.99 31.40 -2.38
N MET D 157 25.40 30.28 -2.85
CA MET D 157 24.53 29.43 -2.04
C MET D 157 25.35 28.50 -1.13
N GLN D 158 25.20 28.59 0.17
CA GLN D 158 26.02 27.75 1.09
C GLN D 158 25.28 26.51 1.60
N TYR D 159 23.98 26.41 1.26
CA TYR D 159 23.06 25.31 1.64
C TYR D 159 21.89 25.28 0.66
N PRO D 160 21.09 24.20 0.63
CA PRO D 160 19.94 24.21 -0.27
C PRO D 160 18.83 25.21 0.16
N LYS D 161 18.82 26.36 -0.52
CA LYS D 161 18.05 27.52 -0.08
C LYS D 161 16.70 27.34 -0.73
N VAL D 162 15.91 26.44 -0.15
CA VAL D 162 14.61 26.05 -0.74
C VAL D 162 13.48 26.07 0.26
N GLN D 163 13.66 26.75 1.39
CA GLN D 163 12.76 26.56 2.48
C GLN D 163 11.56 27.48 2.52
N LYS D 164 11.68 28.73 2.09
CA LYS D 164 10.52 29.71 2.17
C LYS D 164 10.36 30.44 0.84
N TYR D 165 9.20 30.26 0.19
CA TYR D 165 8.90 30.83 -1.09
C TYR D 165 7.63 31.64 -0.95
N CYS D 166 7.59 32.75 -1.66
CA CYS D 166 6.40 33.58 -1.82
C CYS D 166 5.91 33.39 -3.28
N LEU D 167 4.66 33.01 -3.45
CA LEU D 167 4.10 32.80 -4.77
C LEU D 167 3.03 33.84 -4.94
N MET D 168 3.05 34.53 -6.07
CA MET D 168 2.15 35.63 -6.30
C MET D 168 1.56 35.41 -7.70
N SER D 169 0.26 35.25 -7.76
CA SER D 169 -0.35 34.73 -9.00
C SER D 169 -1.53 35.57 -9.29
N VAL D 170 -1.72 35.92 -10.55
CA VAL D 170 -2.92 36.67 -10.91
C VAL D 170 -4.01 35.73 -11.39
N ARG D 171 -5.27 36.22 -11.30
CA ARG D 171 -6.40 35.52 -11.83
C ARG D 171 -6.12 34.99 -13.23
N GLY D 172 -6.36 33.69 -13.44
CA GLY D 172 -6.16 33.07 -14.71
C GLY D 172 -4.86 32.32 -14.82
N CYS D 173 -3.94 32.45 -13.87
CA CYS D 173 -2.65 31.70 -14.00
C CYS D 173 -2.87 30.18 -13.97
N TYR D 174 -2.07 29.44 -14.78
CA TYR D 174 -2.03 28.01 -14.78
C TYR D 174 -0.57 27.58 -14.80
N THR D 175 -0.24 26.64 -13.92
CA THR D 175 1.03 25.95 -13.93
C THR D 175 0.74 24.49 -14.30
N ASP D 176 1.36 24.02 -15.40
CA ASP D 176 1.04 22.71 -15.87
C ASP D 176 1.59 21.58 -14.95
N PHE D 177 1.26 20.33 -15.27
CA PHE D 177 1.56 19.22 -14.42
C PHE D 177 3.02 19.07 -14.21
N HIS D 178 3.42 18.89 -12.96
CA HIS D 178 4.85 18.67 -12.68
C HIS D 178 4.98 17.98 -11.33
N VAL D 179 6.20 17.53 -11.08
CA VAL D 179 6.62 17.05 -9.74
C VAL D 179 7.65 18.02 -9.14
N ASP D 180 7.48 18.36 -7.88
CA ASP D 180 8.38 19.34 -7.26
C ASP D 180 9.82 18.81 -7.21
N PHE D 181 10.75 19.75 -7.39
CA PHE D 181 12.13 19.41 -7.59
C PHE D 181 12.66 18.49 -6.48
N GLY D 182 13.52 17.58 -6.89
CA GLY D 182 14.19 16.65 -6.03
C GLY D 182 13.36 15.56 -5.39
N GLY D 183 12.08 15.44 -5.80
CA GLY D 183 11.07 14.74 -5.05
C GLY D 183 10.74 15.35 -3.70
N THR D 184 10.96 16.67 -3.59
CA THR D 184 10.61 17.35 -2.38
C THR D 184 9.10 17.26 -2.07
N SER D 185 8.84 17.18 -0.77
CA SER D 185 7.55 17.49 -0.16
C SER D 185 7.34 18.99 0.00
N VAL D 186 6.09 19.45 -0.01
CA VAL D 186 5.81 20.87 -0.02
C VAL D 186 4.75 21.15 1.00
N TRP D 187 4.85 22.31 1.63
CA TRP D 187 3.76 22.85 2.47
C TRP D 187 3.44 24.14 1.74
N TYR D 188 2.15 24.49 1.74
CA TYR D 188 1.66 25.50 0.87
C TYR D 188 0.49 26.18 1.60
N HIS D 189 0.66 27.43 1.96
CA HIS D 189 -0.40 28.16 2.72
C HIS D 189 -1.00 29.28 1.89
N ILE D 190 -2.30 29.21 1.68
CA ILE D 190 -3.07 30.24 0.97
C ILE D 190 -3.26 31.43 1.91
N HIS D 191 -2.44 32.44 1.72
CA HIS D 191 -2.51 33.62 2.56
C HIS D 191 -3.70 34.49 2.15
N GLN D 192 -3.85 34.72 0.83
CA GLN D 192 -5.03 35.47 0.28
C GLN D 192 -5.37 34.81 -1.01
N GLY D 193 -6.66 34.68 -1.29
CA GLY D 193 -7.11 34.23 -2.60
C GLY D 193 -7.48 32.75 -2.58
N GLY D 194 -7.03 31.98 -3.57
CA GLY D 194 -7.59 30.64 -3.85
C GLY D 194 -6.77 29.95 -4.95
N LYS D 195 -6.72 28.63 -4.91
CA LYS D 195 -6.01 27.82 -5.86
C LYS D 195 -6.80 26.54 -6.10
N VAL D 196 -6.66 25.99 -7.31
CA VAL D 196 -7.32 24.77 -7.71
C VAL D 196 -6.18 23.85 -8.07
N PHE D 197 -6.11 22.67 -7.44
CA PHE D 197 -5.09 21.70 -7.75
C PHE D 197 -5.73 20.51 -8.48
N TRP D 198 -4.98 19.94 -9.42
CA TRP D 198 -5.29 18.60 -9.90
C TRP D 198 -4.14 17.76 -9.44
N LEU D 199 -4.44 16.66 -8.75
CA LEU D 199 -3.45 15.81 -8.10
C LEU D 199 -3.47 14.42 -8.71
N ILE D 200 -2.29 13.87 -8.97
CA ILE D 200 -2.14 12.54 -9.51
C ILE D 200 -1.16 11.77 -8.64
N PRO D 201 -1.52 10.54 -8.25
CA PRO D 201 -0.67 9.84 -7.31
C PRO D 201 0.54 9.25 -8.03
N PRO D 202 1.70 9.14 -7.36
CA PRO D 202 2.95 8.75 -7.97
C PRO D 202 3.09 7.22 -8.00
N THR D 203 2.17 6.53 -8.62
CA THR D 203 2.27 5.09 -8.86
C THR D 203 3.31 4.95 -9.93
N ALA D 204 3.87 3.76 -10.03
CA ALA D 204 4.87 3.50 -11.07
C ALA D 204 4.27 3.77 -12.47
N HIS D 205 3.02 3.34 -12.66
CA HIS D 205 2.28 3.62 -13.91
C HIS D 205 2.19 5.13 -14.23
N ASN D 206 1.75 5.93 -13.27
CA ASN D 206 1.60 7.36 -13.50
C ASN D 206 2.93 8.07 -13.62
N LEU D 207 3.96 7.64 -12.87
CA LEU D 207 5.27 8.21 -13.05
C LEU D 207 5.87 7.85 -14.41
N GLU D 208 5.57 6.69 -14.95
CA GLU D 208 6.06 6.40 -16.33
C GLU D 208 5.30 7.25 -17.34
N LEU D 209 4.00 7.40 -17.10
CA LEU D 209 3.21 8.30 -17.94
C LEU D 209 3.69 9.74 -17.96
N TYR D 210 4.02 10.28 -16.77
CA TYR D 210 4.62 11.56 -16.61
C TYR D 210 5.93 11.72 -17.32
N GLU D 211 6.87 10.85 -17.04
CA GLU D 211 8.13 10.93 -17.75
C GLU D 211 7.91 10.92 -19.30
N ASN D 212 7.01 10.08 -19.75
CA ASN D 212 6.75 9.95 -21.19
C ASN D 212 6.07 11.16 -21.80
N TRP D 213 5.11 11.71 -21.07
CA TRP D 213 4.58 13.03 -21.38
C TRP D 213 5.66 14.11 -21.46
N LEU D 214 6.60 14.13 -20.51
CA LEU D 214 7.68 15.15 -20.58
C LEU D 214 8.53 14.92 -21.83
N LEU D 215 8.97 13.70 -22.06
CA LEU D 215 9.84 13.40 -23.21
C LEU D 215 9.18 13.61 -24.58
N SER D 216 7.87 13.50 -24.69
CA SER D 216 7.16 13.77 -25.94
C SER D 216 7.16 15.27 -26.34
N GLY D 217 7.36 16.17 -25.37
CA GLY D 217 7.18 17.60 -25.59
C GLY D 217 5.74 17.96 -25.98
N LYS D 218 4.74 17.18 -25.56
CA LYS D 218 3.37 17.37 -26.06
C LYS D 218 2.37 17.83 -24.97
N GLN D 219 2.87 18.72 -24.13
CA GLN D 219 2.18 19.14 -22.91
C GLN D 219 1.03 20.15 -23.15
N GLY D 220 1.18 20.99 -24.19
CA GLY D 220 0.11 21.90 -24.60
C GLY D 220 -1.09 21.16 -25.19
N ASP D 221 -0.83 19.96 -25.72
CA ASP D 221 -1.83 19.14 -26.40
C ASP D 221 -2.46 18.02 -25.57
N ILE D 222 -1.87 17.68 -24.43
CA ILE D 222 -2.38 16.57 -23.62
C ILE D 222 -2.55 17.08 -22.21
N PHE D 223 -3.78 17.09 -21.71
CA PHE D 223 -4.03 17.31 -20.30
C PHE D 223 -3.75 15.99 -19.62
N LEU D 224 -2.69 15.96 -18.81
CA LEU D 224 -2.16 14.71 -18.22
C LEU D 224 -3.17 14.01 -17.35
N GLY D 225 -3.99 14.81 -16.68
CA GLY D 225 -5.06 14.34 -15.86
C GLY D 225 -6.08 13.47 -16.55
N ASP D 226 -6.25 13.62 -17.86
CA ASP D 226 -7.05 12.69 -18.64
C ASP D 226 -6.37 11.36 -18.99
N ARG D 227 -5.05 11.28 -18.97
CA ARG D 227 -4.32 10.04 -19.34
C ARG D 227 -3.96 9.10 -18.17
N VAL D 228 -4.06 9.57 -16.94
CA VAL D 228 -3.56 8.79 -15.78
C VAL D 228 -4.70 7.98 -15.18
N SER D 229 -4.32 7.03 -14.31
CA SER D 229 -5.30 6.12 -13.68
C SER D 229 -6.41 6.82 -12.86
N ASP D 230 -6.03 7.89 -12.15
CA ASP D 230 -6.95 8.61 -11.24
C ASP D 230 -6.38 9.99 -10.90
N CYS D 231 -7.29 10.95 -10.83
CA CYS D 231 -6.95 12.35 -10.65
C CYS D 231 -8.01 12.99 -9.77
N GLN D 232 -7.56 13.77 -8.79
CA GLN D 232 -8.42 14.60 -7.98
C GLN D 232 -8.23 16.09 -8.25
N ARG D 233 -9.33 16.78 -8.51
CA ARG D 233 -9.31 18.21 -8.56
C ARG D 233 -9.90 18.73 -7.26
N ILE D 234 -9.21 19.67 -6.62
CA ILE D 234 -9.64 20.16 -5.31
C ILE D 234 -9.31 21.65 -5.24
N GLU D 235 -10.16 22.42 -4.56
CA GLU D 235 -9.97 23.86 -4.37
C GLU D 235 -9.46 24.16 -2.94
N LEU D 236 -8.41 24.97 -2.84
CA LEU D 236 -7.91 25.45 -1.52
C LEU D 236 -8.40 26.87 -1.34
N LYS D 237 -8.95 27.18 -0.18
CA LYS D 237 -9.45 28.51 0.14
C LYS D 237 -8.49 29.19 1.06
N GLN D 238 -8.67 30.50 1.21
CA GLN D 238 -7.82 31.33 2.05
C GLN D 238 -7.70 30.73 3.43
N GLY D 239 -6.48 30.70 3.96
CA GLY D 239 -6.27 30.09 5.29
C GLY D 239 -5.99 28.58 5.32
N TYR D 240 -6.16 27.89 4.19
CA TYR D 240 -5.88 26.47 4.16
C TYR D 240 -4.38 26.30 4.04
N THR D 241 -3.89 25.23 4.61
CA THR D 241 -2.49 24.80 4.41
C THR D 241 -2.53 23.43 3.83
N PHE D 242 -1.79 23.22 2.73
CA PHE D 242 -1.74 21.95 2.05
C PHE D 242 -0.34 21.36 2.14
N VAL D 243 -0.27 20.05 2.33
CA VAL D 243 1.00 19.35 2.42
C VAL D 243 0.98 18.32 1.32
N ILE D 244 1.95 18.37 0.42
CA ILE D 244 2.01 17.49 -0.71
C ILE D 244 3.20 16.56 -0.52
N PRO D 245 2.98 15.22 -0.56
CA PRO D 245 4.06 14.28 -0.37
C PRO D 245 4.94 14.17 -1.59
N SER D 246 6.15 13.63 -1.36
CA SER D 246 7.08 13.39 -2.43
C SER D 246 6.42 12.68 -3.65
N GLY D 247 6.71 13.17 -4.84
CA GLY D 247 6.34 12.47 -6.05
C GLY D 247 5.01 12.81 -6.68
N TRP D 248 4.12 13.45 -5.92
CA TRP D 248 2.80 13.75 -6.40
C TRP D 248 2.86 14.73 -7.60
N ILE D 249 2.21 14.33 -8.69
CA ILE D 249 2.18 15.05 -9.94
C ILE D 249 0.99 15.99 -9.86
N HIS D 250 1.20 17.27 -10.08
CA HIS D 250 0.11 18.22 -9.88
C HIS D 250 0.22 19.40 -10.78
N ALA D 251 -0.99 19.96 -11.06
CA ALA D 251 -1.13 21.17 -11.82
C ALA D 251 -2.05 22.11 -11.01
N VAL D 252 -1.90 23.41 -11.26
CA VAL D 252 -2.44 24.44 -10.41
C VAL D 252 -3.05 25.55 -11.29
N TYR D 253 -4.25 25.94 -10.94
CA TYR D 253 -4.95 27.06 -11.56
C TYR D 253 -5.28 28.10 -10.47
N THR D 254 -5.17 29.39 -10.82
CA THR D 254 -5.41 30.47 -9.92
C THR D 254 -6.74 31.20 -10.30
N PRO D 255 -7.81 30.98 -9.54
CA PRO D 255 -9.14 31.59 -9.89
C PRO D 255 -9.31 33.04 -9.48
N THR D 256 -8.41 33.54 -8.66
CA THR D 256 -8.50 34.90 -8.12
C THR D 256 -7.07 35.31 -7.85
N ASP D 257 -6.79 36.61 -7.86
CA ASP D 257 -5.45 37.15 -7.50
C ASP D 257 -5.06 36.57 -6.14
N THR D 258 -3.86 36.03 -6.03
CA THR D 258 -3.57 35.34 -4.81
C THR D 258 -2.11 35.43 -4.39
N LEU D 259 -1.95 35.27 -3.09
CA LEU D 259 -0.68 35.27 -2.42
C LEU D 259 -0.60 34.02 -1.51
N VAL D 260 0.50 33.27 -1.73
CA VAL D 260 0.84 32.02 -1.07
C VAL D 260 2.25 32.10 -0.49
N PHE D 261 2.41 31.52 0.69
CA PHE D 261 3.70 31.20 1.26
C PHE D 261 3.79 29.69 1.42
N GLY D 262 4.95 29.15 1.04
CA GLY D 262 5.13 27.76 1.07
C GLY D 262 6.61 27.43 1.00
N GLY D 263 6.92 26.16 0.95
CA GLY D 263 8.31 25.75 0.90
C GLY D 263 8.45 24.27 0.64
N ASN D 264 9.70 23.85 0.46
CA ASN D 264 10.04 22.54 -0.01
C ASN D 264 10.88 21.93 1.06
N PHE D 265 10.89 20.60 1.12
CA PHE D 265 11.71 19.86 2.09
C PHE D 265 11.85 18.41 1.73
N LEU D 266 13.08 17.89 1.92
CA LEU D 266 13.36 16.48 1.86
C LEU D 266 13.38 15.99 3.30
N HIS D 267 12.99 14.70 3.49
CA HIS D 267 12.93 14.05 4.76
C HIS D 267 13.31 12.57 4.60
N SER D 268 13.45 11.91 5.73
CA SER D 268 14.05 10.57 5.77
C SER D 268 13.02 9.42 5.69
N PHE D 269 11.75 9.75 5.52
CA PHE D 269 10.64 8.77 5.59
C PHE D 269 10.07 8.41 4.21
N ASN D 270 10.56 9.09 3.17
CA ASN D 270 10.18 8.81 1.77
C ASN D 270 11.39 8.96 0.80
N ILE D 271 12.56 8.51 1.28
CA ILE D 271 13.75 8.55 0.44
C ILE D 271 13.61 7.86 -0.92
N PRO D 272 12.98 6.65 -1.03
CA PRO D 272 12.89 6.01 -2.36
C PRO D 272 12.22 6.85 -3.41
N MET D 273 11.09 7.45 -3.03
CA MET D 273 10.39 8.32 -3.92
C MET D 273 11.23 9.55 -4.26
N GLN D 274 11.92 10.11 -3.28
CA GLN D 274 12.80 11.31 -3.55
C GLN D 274 13.88 10.98 -4.61
N LEU D 275 14.47 9.79 -4.53
CA LEU D 275 15.46 9.39 -5.49
C LEU D 275 14.85 9.09 -6.85
N LYS D 276 13.66 8.48 -6.90
CA LYS D 276 12.97 8.23 -8.16
C LYS D 276 12.76 9.50 -8.93
N ILE D 277 12.26 10.53 -8.24
CA ILE D 277 12.04 11.80 -8.91
C ILE D 277 13.30 12.42 -9.41
N TYR D 278 14.33 12.44 -8.59
CA TYR D 278 15.63 12.87 -9.03
C TYR D 278 16.12 12.17 -10.34
N SER D 279 15.89 10.88 -10.45
CA SER D 279 16.29 10.12 -11.63
C SER D 279 15.47 10.46 -12.82
N ILE D 280 14.20 10.78 -12.64
CA ILE D 280 13.40 11.32 -13.75
C ILE D 280 13.93 12.65 -14.23
N GLU D 281 14.37 13.54 -13.32
CA GLU D 281 14.93 14.84 -13.74
C GLU D 281 16.20 14.57 -14.60
N ASP D 282 17.02 13.64 -14.18
CA ASP D 282 18.20 13.29 -14.97
C ASP D 282 17.85 12.84 -16.38
N ARG D 283 16.93 11.89 -16.49
CA ARG D 283 16.59 11.27 -17.75
C ARG D 283 15.84 12.23 -18.70
N THR D 284 15.05 13.16 -18.17
CA THR D 284 14.39 14.18 -18.97
C THR D 284 15.23 15.47 -19.12
N ARG D 285 16.49 15.44 -18.68
CA ARG D 285 17.47 16.55 -18.86
C ARG D 285 17.04 17.94 -18.37
N VAL D 286 16.45 17.97 -17.19
CA VAL D 286 16.16 19.20 -16.50
C VAL D 286 17.46 19.91 -16.17
N PRO D 287 17.62 21.17 -16.59
CA PRO D 287 18.86 21.84 -16.23
C PRO D 287 18.94 22.20 -14.72
N ASN D 288 20.16 22.31 -14.20
CA ASN D 288 20.41 22.55 -12.76
C ASN D 288 19.58 23.64 -12.09
N LYS D 289 19.32 24.73 -12.82
CA LYS D 289 18.51 25.87 -12.36
C LYS D 289 17.25 25.44 -11.64
N PHE D 290 16.62 24.40 -12.20
CA PHE D 290 15.30 23.98 -11.77
C PHE D 290 15.33 22.79 -10.82
N ARG D 291 16.49 22.46 -10.30
CA ARG D 291 16.66 21.26 -9.45
C ARG D 291 17.00 21.64 -8.01
N TYR D 292 16.93 20.66 -7.12
CA TYR D 292 17.30 20.85 -5.74
C TYR D 292 18.81 21.06 -5.67
N PRO D 293 19.25 22.20 -5.10
CA PRO D 293 20.69 22.43 -5.01
C PRO D 293 21.43 21.41 -4.08
N PHE D 294 22.58 20.85 -4.50
CA PHE D 294 23.44 20.10 -3.56
C PHE D 294 22.78 18.80 -3.08
N TYR D 295 21.96 18.22 -3.94
CA TYR D 295 21.16 17.06 -3.68
C TYR D 295 21.94 15.88 -3.16
N TYR D 296 22.93 15.41 -3.90
CA TYR D 296 23.75 14.30 -3.37
C TYR D 296 24.70 14.64 -2.22
N GLU D 297 25.26 15.84 -2.23
CA GLU D 297 25.99 16.34 -1.07
C GLU D 297 25.14 16.17 0.23
N MET D 298 23.88 16.59 0.13
CA MET D 298 22.96 16.50 1.22
C MET D 298 22.77 15.04 1.58
N CYS D 299 22.61 14.16 0.61
CA CYS D 299 22.42 12.75 0.96
C CYS D 299 23.65 12.16 1.73
N TRP D 300 24.86 12.55 1.35
CA TRP D 300 26.07 12.16 2.08
C TRP D 300 26.03 12.64 3.57
N TYR D 301 25.65 13.89 3.77
CA TYR D 301 25.57 14.41 5.13
C TYR D 301 24.50 13.69 5.90
N VAL D 302 23.44 13.22 5.21
CA VAL D 302 22.39 12.44 5.85
C VAL D 302 22.93 11.12 6.40
N LEU D 303 23.66 10.41 5.59
CA LEU D 303 24.28 9.18 6.06
C LEU D 303 25.17 9.47 7.23
N GLU D 304 25.98 10.51 7.12
CA GLU D 304 26.89 10.82 8.22
C GLU D 304 26.16 11.06 9.55
N ARG D 305 25.08 11.82 9.52
CA ARG D 305 24.33 12.12 10.70
C ARG D 305 23.70 10.90 11.32
N TYR D 306 23.16 9.96 10.50
CA TYR D 306 22.59 8.70 11.05
C TYR D 306 23.66 7.85 11.77
N VAL D 307 24.77 7.63 11.08
CA VAL D 307 25.89 6.93 11.70
C VAL D 307 26.35 7.62 12.97
N TYR D 308 26.58 8.95 12.94
CA TYR D 308 27.00 9.68 14.14
C TYR D 308 26.01 9.58 15.29
N CYS D 309 24.75 9.83 15.02
CA CYS D 309 23.77 9.91 16.08
C CYS D 309 23.50 8.54 16.71
N ILE D 310 23.68 7.47 15.94
CA ILE D 310 23.46 6.15 16.43
C ILE D 310 24.74 5.52 17.06
N THR D 311 25.89 5.64 16.43
CA THR D 311 27.09 4.97 16.91
C THR D 311 28.11 5.89 17.54
N ASN D 312 27.93 7.20 17.44
CA ASN D 312 28.96 8.17 17.86
C ASN D 312 30.25 8.24 17.05
N ARG D 313 30.27 7.64 15.86
CA ARG D 313 31.42 7.70 14.97
C ARG D 313 31.10 8.77 13.96
N SER D 314 31.98 9.77 13.90
CA SER D 314 31.93 10.84 12.91
C SER D 314 32.73 10.57 11.67
N HIS D 315 32.10 10.80 10.52
CA HIS D 315 32.78 10.79 9.25
C HIS D 315 32.96 12.14 8.65
N LEU D 316 32.81 13.17 9.48
CA LEU D 316 33.20 14.52 9.06
C LEU D 316 34.69 14.68 9.11
N THR D 317 35.21 15.59 8.32
CA THR D 317 36.59 16.08 8.50
C THR D 317 36.80 16.64 9.88
N LYS D 318 38.05 16.64 10.34
CA LYS D 318 38.38 17.32 11.60
C LYS D 318 37.90 18.78 11.66
N ASP D 319 38.04 19.53 10.57
CA ASP D 319 37.63 20.94 10.58
C ASP D 319 36.12 21.02 10.79
N PHE D 320 35.35 20.16 10.13
CA PHE D 320 33.87 20.14 10.27
C PHE D 320 33.43 19.63 11.62
N GLN D 321 34.17 18.68 12.17
CA GLN D 321 33.95 18.23 13.56
C GLN D 321 34.13 19.38 14.55
N LYS D 322 35.20 20.18 14.37
CA LYS D 322 35.41 21.34 15.26
C LYS D 322 34.31 22.38 15.12
N GLU D 323 33.94 22.67 13.88
CA GLU D 323 32.78 23.52 13.58
C GLU D 323 31.47 23.09 14.28
N SER D 324 31.17 21.80 14.31
CA SER D 324 29.95 21.30 14.89
C SER D 324 30.00 21.37 16.39
N LEU D 325 31.12 20.95 16.95
CA LEU D 325 31.37 21.09 18.40
C LEU D 325 31.26 22.49 18.92
N SER D 326 31.80 23.47 18.21
CA SER D 326 31.67 24.85 18.61
C SER D 326 30.23 25.25 18.70
N MET D 327 29.48 24.86 17.68
CA MET D 327 28.04 25.12 17.59
C MET D 327 27.29 24.47 18.76
N ASP D 328 27.65 23.23 19.09
CA ASP D 328 27.04 22.54 20.24
C ASP D 328 27.22 23.33 21.51
N MET D 329 28.38 23.97 21.70
CA MET D 329 28.67 24.77 22.91
C MET D 329 27.91 26.09 23.02
N GLU D 330 27.29 26.57 21.96
CA GLU D 330 26.54 27.82 22.10
C GLU D 330 25.22 27.54 22.84
N GLN E 2 21.07 -1.14 19.85
CA GLN E 2 19.72 -1.38 20.48
C GLN E 2 18.66 -0.30 20.22
N VAL E 3 18.81 0.50 19.18
CA VAL E 3 17.82 1.50 18.84
C VAL E 3 16.92 0.89 17.77
N HIS E 4 15.79 1.55 17.62
CA HIS E 4 14.73 1.10 16.73
C HIS E 4 14.41 2.17 15.70
N LEU E 5 14.83 1.97 14.46
CA LEU E 5 14.38 2.84 13.34
C LEU E 5 13.08 2.35 12.71
N THR E 6 12.30 3.26 12.12
CA THR E 6 11.15 2.88 11.32
C THR E 6 11.59 2.15 10.09
N HIS E 7 10.72 1.30 9.55
CA HIS E 7 11.03 0.58 8.31
C HIS E 7 11.07 1.56 7.14
N PHE E 8 10.33 2.65 7.22
CA PHE E 8 10.50 3.76 6.23
C PHE E 8 11.95 4.19 6.11
N GLU E 9 12.56 4.45 7.26
CA GLU E 9 13.96 4.88 7.31
C GLU E 9 14.92 3.77 6.95
N LEU E 10 14.66 2.54 7.39
CA LEU E 10 15.57 1.44 7.00
C LEU E 10 15.62 1.18 5.51
N GLU E 11 14.44 1.15 4.89
CA GLU E 11 14.34 0.95 3.45
C GLU E 11 14.99 2.16 2.73
N GLY E 12 14.69 3.38 3.22
CA GLY E 12 15.25 4.67 2.69
C GLY E 12 16.72 4.67 2.67
N LEU E 13 17.32 4.35 3.81
CA LEU E 13 18.74 4.44 3.94
C LEU E 13 19.46 3.45 3.01
N ARG E 14 18.88 2.26 2.88
CA ARG E 14 19.35 1.20 2.00
C ARG E 14 19.31 1.63 0.55
N CYS E 15 18.18 2.22 0.13
CA CYS E 15 18.10 2.81 -1.21
C CYS E 15 19.14 3.87 -1.42
N LEU E 16 19.35 4.71 -0.43
CA LEU E 16 20.36 5.77 -0.51
C LEU E 16 21.83 5.23 -0.67
N VAL E 17 22.20 4.28 0.18
CA VAL E 17 23.45 3.57 0.01
C VAL E 17 23.60 3.03 -1.39
N ASP E 18 22.55 2.36 -1.91
CA ASP E 18 22.67 1.75 -3.24
C ASP E 18 22.78 2.79 -4.33
N LYS E 19 21.99 3.84 -4.27
CA LYS E 19 22.18 4.94 -5.20
C LYS E 19 23.61 5.55 -5.18
N LEU E 20 24.18 5.87 -4.02
CA LEU E 20 25.52 6.51 -3.99
C LEU E 20 26.60 5.56 -4.53
N GLU E 21 26.45 4.27 -4.26
CA GLU E 21 27.37 3.27 -4.87
C GLU E 21 27.24 3.08 -6.35
N SER E 22 26.04 3.28 -6.85
CA SER E 22 25.80 3.16 -8.29
C SER E 22 26.34 4.36 -9.05
N LEU E 23 26.58 5.49 -8.39
CA LEU E 23 27.03 6.65 -9.12
C LEU E 23 28.43 6.49 -9.73
N PRO E 24 28.61 6.95 -10.98
CA PRO E 24 29.94 7.08 -11.55
C PRO E 24 30.81 7.92 -10.65
N LEU E 25 32.11 7.63 -10.67
CA LEU E 25 33.10 8.18 -9.71
C LEU E 25 33.15 9.72 -9.71
N HIS E 26 33.00 10.29 -10.89
CA HIS E 26 32.93 11.73 -11.09
C HIS E 26 31.53 12.30 -10.81
N LYS E 27 30.57 11.48 -10.36
CA LYS E 27 29.20 11.97 -10.15
C LYS E 27 28.72 11.79 -8.71
N LYS E 28 29.62 11.30 -7.87
CA LYS E 28 29.32 10.95 -6.49
C LYS E 28 29.00 12.20 -5.63
N CYS E 29 29.51 13.36 -6.03
CA CYS E 29 29.28 14.63 -5.31
C CYS E 29 29.57 14.54 -3.78
N VAL E 30 30.70 13.95 -3.39
CA VAL E 30 31.05 13.81 -1.98
C VAL E 30 31.32 15.25 -1.52
N PRO E 31 30.64 15.74 -0.48
CA PRO E 31 30.80 17.15 -0.15
C PRO E 31 32.11 17.39 0.63
N THR E 32 32.49 18.64 0.71
CA THR E 32 33.76 19.05 1.34
C THR E 32 33.87 18.64 2.82
N GLY E 33 32.76 18.54 3.52
CA GLY E 33 32.81 18.15 4.92
C GLY E 33 33.01 16.68 5.23
N ILE E 34 32.91 15.79 4.25
CA ILE E 34 33.05 14.38 4.54
C ILE E 34 34.52 13.92 4.39
N GLU E 35 34.97 13.10 5.32
CA GLU E 35 36.38 12.72 5.38
C GLU E 35 36.62 11.55 4.41
N ASP E 36 36.24 10.34 4.81
CA ASP E 36 36.40 9.09 4.02
C ASP E 36 35.00 8.50 3.68
N GLU E 37 34.54 8.76 2.47
CA GLU E 37 33.18 8.36 2.09
C GLU E 37 33.05 6.84 1.99
N ASP E 38 34.14 6.12 1.69
CA ASP E 38 34.07 4.63 1.69
C ASP E 38 33.85 4.06 3.10
N ALA E 39 34.52 4.60 4.11
CA ALA E 39 34.32 4.14 5.49
C ALA E 39 32.92 4.47 5.98
N LEU E 40 32.43 5.65 5.60
CA LEU E 40 31.04 6.00 5.92
C LEU E 40 30.04 4.93 5.36
N ILE E 41 30.23 4.58 4.11
CA ILE E 41 29.35 3.58 3.47
C ILE E 41 29.42 2.24 4.16
N ALA E 42 30.65 1.76 4.35
CA ALA E 42 30.88 0.56 5.17
C ALA E 42 30.15 0.62 6.49
N ASP E 43 30.27 1.75 7.17
CA ASP E 43 29.58 1.89 8.46
C ASP E 43 28.06 1.90 8.38
N VAL E 44 27.52 2.55 7.35
CA VAL E 44 26.05 2.55 7.18
C VAL E 44 25.58 1.08 6.96
N LYS E 45 26.30 0.36 6.10
CA LYS E 45 25.98 -1.06 5.82
C LYS E 45 25.95 -1.93 7.09
N ILE E 46 26.97 -1.78 7.91
CA ILE E 46 27.03 -2.48 9.24
C ILE E 46 25.79 -2.12 10.04
N LEU E 47 25.55 -0.82 10.13
CA LEU E 47 24.43 -0.32 10.88
C LEU E 47 23.08 -0.84 10.39
N LEU E 48 22.88 -0.95 9.07
CA LEU E 48 21.63 -1.41 8.52
C LEU E 48 21.43 -2.88 8.86
N GLU E 49 22.47 -3.68 8.76
CA GLU E 49 22.38 -5.08 9.19
C GLU E 49 22.02 -5.22 10.69
N GLU E 50 22.69 -4.47 11.55
CA GLU E 50 22.37 -4.49 12.94
C GLU E 50 21.01 -3.93 13.31
N LEU E 51 20.45 -2.99 12.53
CA LEU E 51 19.12 -2.42 12.85
C LEU E 51 17.96 -3.08 12.15
N ALA E 52 18.22 -4.08 11.26
CA ALA E 52 17.20 -4.77 10.45
C ALA E 52 16.04 -5.35 11.25
N SER E 53 16.31 -5.78 12.48
CA SER E 53 15.29 -6.26 13.43
C SER E 53 14.68 -5.18 14.34
N SER E 54 14.72 -3.92 13.92
CA SER E 54 13.97 -2.90 14.62
C SER E 54 12.50 -3.36 14.74
N ASP E 55 12.03 -3.25 15.96
CA ASP E 55 10.65 -3.34 16.37
C ASP E 55 9.83 -2.11 15.95
N PRO E 56 8.90 -2.29 15.00
CA PRO E 56 8.14 -1.14 14.55
C PRO E 56 7.45 -0.34 15.64
N LYS E 57 6.92 -0.95 16.70
CA LYS E 57 6.16 -0.20 17.70
C LYS E 57 7.14 0.65 18.53
N LEU E 58 8.30 0.07 18.88
CA LEU E 58 9.30 0.80 19.67
C LEU E 58 9.85 2.00 18.92
N ALA E 59 9.93 1.92 17.60
CA ALA E 59 10.42 3.03 16.80
C ALA E 59 9.49 4.25 16.81
N LEU E 60 8.24 4.07 17.24
CA LEU E 60 7.26 5.17 17.21
C LEU E 60 7.43 6.04 18.43
N THR E 61 8.56 6.75 18.48
CA THR E 61 8.90 7.54 19.66
C THR E 61 8.30 8.91 19.71
N GLY E 62 7.87 9.43 18.56
CA GLY E 62 7.56 10.84 18.47
C GLY E 62 8.76 11.79 18.46
N VAL E 63 9.98 11.28 18.25
CA VAL E 63 11.16 12.11 18.30
C VAL E 63 12.11 11.63 17.19
N PRO E 64 12.65 12.57 16.38
CA PRO E 64 13.51 12.08 15.34
C PRO E 64 14.78 11.51 15.94
N ILE E 65 15.30 10.51 15.27
CA ILE E 65 16.60 9.91 15.60
C ILE E 65 17.68 10.94 15.47
N VAL E 66 17.60 11.71 14.41
CA VAL E 66 18.64 12.71 14.10
C VAL E 66 18.17 14.06 14.58
N GLN E 67 18.87 14.59 15.56
CA GLN E 67 18.58 15.89 16.15
C GLN E 67 19.91 16.53 16.54
N TRP E 68 19.95 17.87 16.57
CA TRP E 68 21.12 18.58 17.13
C TRP E 68 21.04 18.63 18.70
N PRO E 69 22.17 18.46 19.42
CA PRO E 69 22.24 18.47 20.88
C PRO E 69 21.54 19.64 21.52
N THR F 4 19.90 30.86 -9.89
CA THR F 4 20.30 29.58 -10.59
C THR F 4 20.19 28.28 -9.74
N GLY F 5 19.56 28.34 -8.56
CA GLY F 5 19.42 27.17 -7.67
C GLY F 5 18.04 27.08 -7.02
N GLY F 6 17.34 25.95 -7.23
CA GLY F 6 15.98 25.73 -6.70
C GLY F 6 14.98 26.75 -7.22
N VAL F 7 14.89 26.85 -8.56
CA VAL F 7 13.87 27.72 -9.24
C VAL F 7 12.66 26.82 -9.58
N CYS F 8 11.51 27.12 -9.00
CA CYS F 8 10.28 26.31 -9.21
C CYS F 8 9.69 26.56 -10.60
N LYS F 9 9.05 25.53 -11.17
CA LYS F 9 8.48 25.58 -12.50
C LYS F 9 7.02 25.20 -12.50
#